data_6UG4
#
_entry.id   6UG4
#
_cell.length_a   84.201
_cell.length_b   84.201
_cell.length_c   229.704
_cell.angle_alpha   90.000
_cell.angle_beta   90.000
_cell.angle_gamma   90.000
#
_symmetry.space_group_name_H-M   'P 41 21 2'
#
loop_
_entity.id
_entity.type
_entity.pdbx_description
1 polymer 'Putative ryanodine receptor'
2 non-polymer CAFFEINE
3 non-polymer GLYCEROL
4 non-polymer 'SULFATE ION'
5 non-polymer 'PYRUVIC ACID'
6 water water
#
_entity_poly.entity_id   1
_entity_poly.type   'polypeptide(L)'
_entity_poly.pdbx_seq_one_letter_code
;(MSE)KENKLDYIPEP(MSE)DLSLVDLPESLIQLSERIAENVHEVWAKARIDEGWTYGEKRDDIHKKHPCLVPYDELPE
EEKEADRNTA(MSE)NTIK(MSE)VKKLGFRIEKED
;
_entity_poly.pdbx_strand_id   A,B,C,D,E,F
#
loop_
_chem_comp.id
_chem_comp.type
_chem_comp.name
_chem_comp.formula
CFF non-polymer CAFFEINE 'C8 H10 N4 O2'
GOL non-polymer GLYCEROL 'C3 H8 O3'
PYR non-polymer 'PYRUVIC ACID' 'C3 H4 O3'
SO4 non-polymer 'SULFATE ION' 'O4 S -2'
#
# COMPACT_ATOMS: atom_id res chain seq x y z
N ASP A 7 13.91 -22.81 27.00
CA ASP A 7 12.77 -23.36 27.72
C ASP A 7 11.47 -22.67 27.31
N TYR A 8 10.56 -23.44 26.72
CA TYR A 8 9.35 -22.93 26.09
C TYR A 8 8.15 -23.07 27.01
N ILE A 9 7.52 -21.94 27.34
CA ILE A 9 6.28 -21.96 28.13
C ILE A 9 5.19 -21.22 27.36
N PRO A 10 4.24 -21.95 26.79
CA PRO A 10 3.15 -21.29 26.06
C PRO A 10 2.29 -20.48 27.03
N GLU A 11 1.92 -19.27 26.62
CA GLU A 11 0.95 -18.45 27.34
C GLU A 11 -0.20 -18.15 26.39
N PRO A 12 -1.06 -19.13 26.10
CA PRO A 12 -2.21 -18.85 25.25
C PRO A 12 -3.20 -17.93 25.95
N MSE A 13 -4.08 -17.35 25.15
CA MSE A 13 -5.22 -16.65 25.69
C MSE A 13 -6.26 -17.70 26.14
O MSE A 13 -6.45 -18.72 25.46
CB MSE A 13 -5.80 -15.69 24.67
CG MSE A 13 -6.70 -14.62 25.25
SE MSE A 13 -7.51 -13.54 23.85
CE MSE A 13 -6.12 -13.73 22.51
N ASP A 14 -6.89 -17.47 27.29
CA ASP A 14 -7.75 -18.46 27.91
C ASP A 14 -9.10 -18.56 27.19
N LEU A 15 -9.45 -19.75 26.71
CA LEU A 15 -10.68 -19.95 25.98
C LEU A 15 -11.74 -20.73 26.75
N SER A 16 -11.45 -21.14 27.98
CA SER A 16 -12.32 -22.07 28.70
C SER A 16 -13.67 -21.47 29.05
N LEU A 17 -13.84 -20.16 29.01
CA LEU A 17 -15.13 -19.55 29.31
C LEU A 17 -15.87 -19.09 28.05
N VAL A 18 -15.31 -19.32 26.86
CA VAL A 18 -15.98 -18.95 25.63
C VAL A 18 -17.00 -20.02 25.29
N ASP A 19 -18.26 -19.61 25.09
CA ASP A 19 -19.34 -20.55 24.82
C ASP A 19 -19.82 -20.46 23.38
N LEU A 20 -19.80 -21.56 22.71
CA LEU A 20 -20.25 -21.67 21.35
C LEU A 20 -21.61 -22.34 21.30
N PRO A 21 -22.37 -22.12 20.23
CA PRO A 21 -23.63 -22.85 20.06
C PRO A 21 -23.37 -24.36 20.01
N GLU A 22 -24.14 -25.11 20.81
CA GLU A 22 -24.09 -26.58 20.80
C GLU A 22 -24.21 -27.10 19.37
N SER A 23 -25.13 -26.52 18.62
CA SER A 23 -25.29 -26.84 17.20
C SER A 23 -23.99 -26.67 16.42
N LEU A 24 -23.10 -25.77 16.85
CA LEU A 24 -21.80 -25.68 16.18
C LEU A 24 -20.85 -26.79 16.64
N ILE A 25 -20.76 -27.03 17.96
CA ILE A 25 -19.91 -28.13 18.44
C ILE A 25 -20.34 -29.46 17.83
N GLN A 26 -21.63 -29.63 17.55
CA GLN A 26 -22.09 -30.90 16.95
C GLN A 26 -21.50 -31.11 15.57
N LEU A 27 -21.04 -30.04 14.90
CA LEU A 27 -20.54 -30.19 13.54
C LEU A 27 -19.01 -30.21 13.47
N SER A 28 -18.36 -30.24 14.63
CA SER A 28 -16.91 -30.14 14.68
C SER A 28 -16.20 -31.24 13.89
N GLU A 29 -16.82 -32.42 13.77
CA GLU A 29 -16.21 -33.50 12.99
C GLU A 29 -16.21 -33.17 11.51
N ARG A 30 -17.32 -32.61 11.03
CA ARG A 30 -17.44 -32.25 9.62
C ARG A 30 -16.49 -31.11 9.27
N ILE A 31 -16.27 -30.19 10.21
CA ILE A 31 -15.38 -29.05 10.00
C ILE A 31 -13.94 -29.53 9.95
N ALA A 32 -13.56 -30.38 10.89
CA ALA A 32 -12.19 -30.90 10.92
C ALA A 32 -11.86 -31.72 9.67
N GLU A 33 -12.79 -32.60 9.27
CA GLU A 33 -12.58 -33.37 8.05
C GLU A 33 -12.32 -32.46 6.85
N ASN A 34 -13.15 -31.44 6.66
CA ASN A 34 -12.97 -30.58 5.49
C ASN A 34 -11.72 -29.73 5.61
N VAL A 35 -11.43 -29.23 6.82
CA VAL A 35 -10.17 -28.53 7.06
C VAL A 35 -8.99 -29.43 6.71
N HIS A 36 -9.06 -30.70 7.11
CA HIS A 36 -8.06 -31.67 6.69
C HIS A 36 -8.02 -31.81 5.17
N GLU A 37 -9.19 -31.98 4.54
CA GLU A 37 -9.24 -32.23 3.11
C GLU A 37 -8.71 -31.05 2.30
N VAL A 38 -9.09 -29.83 2.68
CA VAL A 38 -8.58 -28.65 2.00
C VAL A 38 -7.06 -28.60 2.11
N TRP A 39 -6.53 -28.91 3.29
CA TRP A 39 -5.08 -28.94 3.48
C TRP A 39 -4.43 -30.01 2.62
N ALA A 40 -5.06 -31.18 2.50
CA ALA A 40 -4.44 -32.25 1.75
C ALA A 40 -4.44 -31.96 0.25
N LYS A 41 -5.55 -31.43 -0.26
CA LYS A 41 -5.58 -31.05 -1.66
C LYS A 41 -4.45 -30.10 -2.00
N ALA A 42 -4.26 -29.06 -1.20
CA ALA A 42 -3.22 -28.08 -1.48
C ALA A 42 -1.84 -28.74 -1.55
N ARG A 43 -1.51 -29.59 -0.56
CA ARG A 43 -0.22 -30.26 -0.56
C ARG A 43 -0.06 -31.17 -1.77
N ILE A 44 -1.11 -31.92 -2.10
CA ILE A 44 -1.00 -32.88 -3.20
C ILE A 44 -0.96 -32.15 -4.54
N ASP A 45 -1.64 -31.01 -4.63
CA ASP A 45 -1.58 -30.19 -5.84
C ASP A 45 -0.17 -29.64 -6.08
N GLU A 46 0.65 -29.52 -5.04
CA GLU A 46 2.04 -29.09 -5.09
C GLU A 46 3.03 -30.24 -4.97
N GLY A 47 2.62 -31.49 -5.21
CA GLY A 47 3.56 -32.58 -5.33
C GLY A 47 3.89 -33.36 -4.07
N TRP A 48 3.18 -33.14 -2.97
CA TRP A 48 3.39 -33.96 -1.79
C TRP A 48 2.76 -35.34 -1.97
N THR A 49 3.27 -36.31 -1.23
CA THR A 49 2.82 -37.69 -1.30
C THR A 49 2.87 -38.30 0.09
N TYR A 50 2.25 -39.46 0.25
CA TYR A 50 2.24 -40.12 1.54
C TYR A 50 3.62 -40.63 1.93
N GLY A 51 3.99 -40.38 3.19
CA GLY A 51 5.25 -40.88 3.72
C GLY A 51 5.13 -41.20 5.19
N GLU A 52 6.07 -42.02 5.69
CA GLU A 52 6.00 -42.44 7.08
C GLU A 52 6.24 -41.30 8.06
N LYS A 53 7.06 -40.32 7.68
CA LYS A 53 7.24 -39.17 8.55
C LYS A 53 7.30 -37.91 7.70
N ARG A 54 7.05 -36.78 8.36
CA ARG A 54 7.08 -35.48 7.72
C ARG A 54 8.48 -35.19 7.17
N ASP A 55 8.57 -34.99 5.87
CA ASP A 55 9.83 -34.76 5.15
C ASP A 55 9.60 -33.58 4.21
N ASP A 56 9.94 -32.35 4.60
CA ASP A 56 9.71 -31.21 3.72
C ASP A 56 10.60 -31.27 2.48
N ILE A 57 11.87 -31.69 2.66
CA ILE A 57 12.74 -31.61 1.50
C ILE A 57 12.27 -32.56 0.40
N HIS A 58 11.70 -33.72 0.70
CA HIS A 58 11.18 -34.59 -0.34
C HIS A 58 9.66 -34.51 -0.52
N LYS A 59 8.97 -33.67 0.25
CA LYS A 59 7.52 -33.46 0.15
C LYS A 59 6.72 -34.74 0.47
N LYS A 60 6.95 -35.27 1.66
CA LYS A 60 6.20 -36.44 2.12
C LYS A 60 5.63 -36.18 3.49
N HIS A 61 4.40 -36.64 3.70
CA HIS A 61 3.69 -36.40 4.94
C HIS A 61 2.79 -37.58 5.30
N PRO A 62 2.82 -38.05 6.55
CA PRO A 62 1.96 -39.18 6.93
C PRO A 62 0.49 -38.85 7.02
N CYS A 63 0.10 -37.59 7.19
N CYS A 63 0.11 -37.58 7.15
CA CYS A 63 -1.31 -37.21 7.29
CA CYS A 63 -1.28 -37.20 7.29
C CYS A 63 -1.98 -37.07 5.93
C CYS A 63 -1.99 -37.09 5.95
N LEU A 64 -1.32 -37.50 4.86
CA LEU A 64 -1.95 -37.46 3.54
C LEU A 64 -2.63 -38.81 3.25
N VAL A 65 -3.72 -39.01 3.99
CA VAL A 65 -4.63 -40.15 3.86
C VAL A 65 -6.04 -39.57 4.05
N PRO A 66 -7.12 -40.30 3.74
CA PRO A 66 -8.46 -39.76 4.02
C PRO A 66 -8.63 -39.49 5.51
N TYR A 67 -9.34 -38.40 5.81
CA TYR A 67 -9.54 -38.02 7.21
C TYR A 67 -10.07 -39.17 8.04
N ASP A 68 -11.01 -39.95 7.48
CA ASP A 68 -11.66 -41.00 8.26
C ASP A 68 -10.66 -42.07 8.71
N GLU A 69 -9.54 -42.23 8.01
CA GLU A 69 -8.54 -43.23 8.40
C GLU A 69 -7.53 -42.72 9.43
N LEU A 70 -7.65 -41.48 9.90
CA LEU A 70 -6.74 -41.04 10.94
C LEU A 70 -7.08 -41.71 12.27
N PRO A 71 -6.09 -41.93 13.12
CA PRO A 71 -6.39 -42.40 14.49
C PRO A 71 -7.31 -41.45 15.23
N GLU A 72 -8.12 -42.02 16.11
CA GLU A 72 -9.15 -41.21 16.75
C GLU A 72 -8.56 -40.13 17.66
N GLU A 73 -7.36 -40.36 18.22
CA GLU A 73 -6.70 -39.33 19.01
C GLU A 73 -6.33 -38.10 18.16
N GLU A 74 -6.06 -38.35 16.87
CA GLU A 74 -5.74 -37.25 15.97
C GLU A 74 -6.98 -36.46 15.58
N LYS A 75 -8.06 -37.17 15.20
CA LYS A 75 -9.33 -36.53 14.93
C LYS A 75 -9.79 -35.70 16.12
N GLU A 76 -9.56 -36.22 17.33
CA GLU A 76 -9.83 -35.48 18.55
C GLU A 76 -9.01 -34.18 18.61
N ALA A 77 -7.71 -34.28 18.40
CA ALA A 77 -6.90 -33.07 18.30
C ALA A 77 -7.44 -32.12 17.23
N ASP A 78 -7.88 -32.67 16.09
CA ASP A 78 -8.30 -31.81 14.98
C ASP A 78 -9.63 -31.10 15.27
N ARG A 79 -10.56 -31.80 15.94
CA ARG A 79 -11.82 -31.18 16.31
C ARG A 79 -11.63 -30.08 17.35
N ASN A 80 -10.73 -30.31 18.30
CA ASN A 80 -10.37 -29.33 19.33
C ASN A 80 -9.82 -28.06 18.71
N THR A 81 -8.87 -28.24 17.79
CA THR A 81 -8.30 -27.08 17.09
C THR A 81 -9.37 -26.33 16.33
N ALA A 82 -10.30 -27.04 15.68
CA ALA A 82 -11.36 -26.33 14.97
C ALA A 82 -12.20 -25.47 15.91
N MSE A 83 -12.61 -26.03 17.07
CA MSE A 83 -13.42 -25.25 18.05
C MSE A 83 -12.61 -24.13 18.75
O MSE A 83 -13.12 -23.05 19.01
CB MSE A 83 -14.06 -26.18 19.12
CG MSE A 83 -15.10 -27.17 18.57
SE MSE A 83 -16.63 -26.33 17.68
CE MSE A 83 -16.13 -26.73 15.84
N ASN A 84 -11.34 -24.41 19.06
CA ASN A 84 -10.45 -23.36 19.55
C ASN A 84 -10.34 -22.19 18.58
N THR A 85 -10.29 -22.48 17.28
CA THR A 85 -10.24 -21.41 16.29
C THR A 85 -11.47 -20.50 16.38
N ILE A 86 -12.66 -21.12 16.42
CA ILE A 86 -13.89 -20.33 16.46
C ILE A 86 -14.07 -19.66 17.82
N LYS A 87 -13.54 -20.26 18.88
CA LYS A 87 -13.61 -19.61 20.19
C LYS A 87 -12.77 -18.34 20.20
N MSE A 88 -11.61 -18.39 19.57
CA MSE A 88 -10.74 -17.24 19.40
C MSE A 88 -11.42 -16.14 18.57
O MSE A 88 -11.32 -14.95 18.90
CB MSE A 88 -9.41 -17.67 18.78
CG MSE A 88 -8.45 -16.55 18.65
SE MSE A 88 -7.92 -15.99 20.48
CE MSE A 88 -7.57 -17.78 21.11
N VAL A 89 -12.16 -16.53 17.52
CA VAL A 89 -12.97 -15.56 16.79
C VAL A 89 -13.94 -14.83 17.71
N LYS A 90 -14.73 -15.61 18.46
CA LYS A 90 -15.70 -14.99 19.37
C LYS A 90 -15.00 -14.15 20.43
N LYS A 91 -13.82 -14.54 20.88
CA LYS A 91 -13.08 -13.79 21.86
C LYS A 91 -12.54 -12.47 21.29
N LEU A 92 -12.23 -12.44 19.99
CA LEU A 92 -11.80 -11.20 19.35
C LEU A 92 -12.97 -10.28 19.04
N GLY A 93 -14.17 -10.62 19.51
CA GLY A 93 -15.33 -9.76 19.40
C GLY A 93 -16.25 -9.98 18.23
N PHE A 94 -16.46 -11.22 17.78
CA PHE A 94 -17.40 -11.50 16.71
C PHE A 94 -18.54 -12.37 17.23
N ARG A 95 -19.76 -12.03 16.81
CA ARG A 95 -20.94 -12.87 17.02
C ARG A 95 -20.85 -14.12 16.16
N ILE A 96 -21.21 -15.26 16.77
CA ILE A 96 -21.43 -16.54 16.07
C ILE A 96 -22.86 -16.98 16.40
N GLU A 97 -23.72 -17.06 15.38
CA GLU A 97 -25.11 -17.42 15.56
C GLU A 97 -25.55 -18.32 14.43
N LYS A 98 -26.31 -19.36 14.75
CA LYS A 98 -26.93 -20.20 13.73
C LYS A 98 -27.94 -19.39 12.94
N GLU A 99 -27.98 -19.56 11.63
CA GLU A 99 -28.95 -18.85 10.80
C GLU A 99 -30.34 -19.46 10.95
N ASP A 100 -31.34 -18.59 10.90
CA ASP A 100 -32.74 -19.00 10.98
C ASP A 100 -33.07 -19.96 9.83
N ASP B 7 -3.12 -43.50 -3.79
CA ASP B 7 -4.44 -43.56 -4.41
C ASP B 7 -5.41 -42.49 -3.87
N TYR B 8 -4.94 -41.69 -2.89
CA TYR B 8 -5.80 -40.77 -2.15
C TYR B 8 -6.05 -39.50 -2.95
N ILE B 9 -7.32 -39.21 -3.23
CA ILE B 9 -7.65 -37.96 -3.91
C ILE B 9 -8.64 -37.18 -3.04
N PRO B 10 -8.11 -36.19 -2.32
CA PRO B 10 -8.98 -35.39 -1.46
C PRO B 10 -10.05 -34.69 -2.29
N GLU B 11 -11.26 -34.62 -1.75
CA GLU B 11 -12.37 -33.92 -2.41
C GLU B 11 -13.05 -33.04 -1.37
N PRO B 12 -12.41 -31.95 -0.98
CA PRO B 12 -13.03 -31.05 -0.01
C PRO B 12 -14.25 -30.34 -0.59
N MSE B 13 -14.99 -29.69 0.29
CA MSE B 13 -16.06 -28.79 -0.10
C MSE B 13 -15.40 -27.50 -0.56
O MSE B 13 -14.34 -27.14 -0.06
CB MSE B 13 -16.99 -28.54 1.05
CG MSE B 13 -18.23 -27.75 0.74
SE MSE B 13 -19.47 -28.08 2.22
CE MSE B 13 -18.57 -29.60 3.02
N ASP B 14 -16.02 -26.78 -1.47
CA ASP B 14 -15.40 -25.63 -2.11
C ASP B 14 -15.78 -24.36 -1.35
N LEU B 15 -14.78 -23.75 -0.71
CA LEU B 15 -15.00 -22.57 0.11
C LEU B 15 -14.66 -21.29 -0.61
N SER B 16 -14.28 -21.38 -1.89
CA SER B 16 -13.70 -20.25 -2.60
C SER B 16 -14.64 -19.05 -2.63
N LEU B 17 -15.95 -19.27 -2.70
CA LEU B 17 -16.92 -18.18 -2.71
C LEU B 17 -17.44 -17.76 -1.32
N VAL B 18 -16.93 -18.34 -0.23
CA VAL B 18 -17.34 -17.88 1.10
C VAL B 18 -16.62 -16.58 1.41
N ASP B 19 -17.36 -15.55 1.80
CA ASP B 19 -16.73 -14.25 2.01
C ASP B 19 -16.84 -13.85 3.48
N LEU B 20 -15.67 -13.62 4.06
CA LEU B 20 -15.45 -13.31 5.45
C LEU B 20 -15.27 -11.81 5.63
N PRO B 21 -15.65 -11.23 6.77
CA PRO B 21 -15.30 -9.82 7.00
C PRO B 21 -13.79 -9.63 6.98
N GLU B 22 -13.35 -8.54 6.34
CA GLU B 22 -11.93 -8.23 6.29
C GLU B 22 -11.35 -8.05 7.69
N SER B 23 -12.11 -7.38 8.57
CA SER B 23 -11.70 -7.21 9.96
C SER B 23 -11.33 -8.54 10.61
N LEU B 24 -11.95 -9.64 10.20
CA LEU B 24 -11.58 -10.94 10.72
C LEU B 24 -10.37 -11.52 10.01
N ILE B 25 -10.28 -11.35 8.69
CA ILE B 25 -9.08 -11.75 7.95
C ILE B 25 -7.85 -11.00 8.46
N GLN B 26 -8.03 -9.72 8.80
CA GLN B 26 -6.91 -8.97 9.38
C GLN B 26 -6.34 -9.65 10.63
N LEU B 27 -7.14 -10.41 11.36
CA LEU B 27 -6.68 -11.02 12.60
C LEU B 27 -6.15 -12.45 12.44
N SER B 28 -5.96 -12.89 11.21
CA SER B 28 -5.44 -14.21 10.95
C SER B 28 -4.24 -14.63 11.78
N GLU B 29 -3.19 -13.82 11.80
CA GLU B 29 -1.99 -14.18 12.54
C GLU B 29 -2.26 -14.31 14.03
N ARG B 30 -3.10 -13.46 14.60
CA ARG B 30 -3.38 -13.59 16.03
C ARG B 30 -4.14 -14.88 16.33
N ILE B 31 -5.13 -15.21 15.50
CA ILE B 31 -5.88 -16.45 15.65
C ILE B 31 -4.95 -17.65 15.50
N ALA B 32 -4.15 -17.68 14.42
CA ALA B 32 -3.23 -18.80 14.21
C ALA B 32 -2.22 -18.92 15.36
N GLU B 33 -1.69 -17.79 15.86
CA GLU B 33 -0.76 -17.84 16.98
C GLU B 33 -1.40 -18.48 18.20
N ASN B 34 -2.60 -18.04 18.55
CA ASN B 34 -3.17 -18.56 19.77
C ASN B 34 -3.63 -20.01 19.59
N VAL B 35 -4.15 -20.35 18.40
CA VAL B 35 -4.49 -21.73 18.07
C VAL B 35 -3.28 -22.62 18.26
N HIS B 36 -2.13 -22.16 17.78
CA HIS B 36 -0.88 -22.88 18.01
C HIS B 36 -0.51 -22.91 19.50
N GLU B 37 -0.73 -21.80 20.23
CA GLU B 37 -0.33 -21.76 21.64
C GLU B 37 -1.20 -22.66 22.52
N VAL B 38 -2.51 -22.69 22.28
CA VAL B 38 -3.37 -23.61 23.01
C VAL B 38 -2.94 -25.05 22.76
N TRP B 39 -2.62 -25.40 21.52
CA TRP B 39 -2.16 -26.76 21.25
C TRP B 39 -0.88 -27.07 22.03
N ALA B 40 0.08 -26.13 22.03
CA ALA B 40 1.35 -26.36 22.70
C ALA B 40 1.17 -26.51 24.21
N LYS B 41 0.33 -25.68 24.82
CA LYS B 41 0.06 -25.82 26.24
C LYS B 41 -0.58 -27.17 26.56
N ALA B 42 -1.60 -27.58 25.79
CA ALA B 42 -2.20 -28.88 26.04
C ALA B 42 -1.17 -29.99 25.96
N ARG B 43 -0.29 -29.90 24.96
CA ARG B 43 0.67 -30.96 24.74
C ARG B 43 1.73 -31.00 25.85
N ILE B 44 2.19 -29.84 26.30
CA ILE B 44 3.28 -29.79 27.26
C ILE B 44 2.78 -30.24 28.63
N ASP B 45 1.53 -29.89 28.96
CA ASP B 45 0.90 -30.36 30.18
C ASP B 45 0.79 -31.88 30.24
N GLU B 46 0.77 -32.54 29.08
CA GLU B 46 0.72 -33.99 29.02
C GLU B 46 2.08 -34.65 28.87
N GLY B 47 3.17 -33.92 29.11
CA GLY B 47 4.50 -34.48 29.04
C GLY B 47 5.22 -34.34 27.71
N TRP B 48 4.54 -33.86 26.66
CA TRP B 48 5.22 -33.64 25.39
C TRP B 48 6.32 -32.62 25.58
N THR B 49 7.42 -32.80 24.85
CA THR B 49 8.52 -31.85 24.81
C THR B 49 9.00 -31.77 23.37
N TYR B 50 9.91 -30.83 23.12
CA TYR B 50 10.41 -30.65 21.76
C TYR B 50 11.24 -31.85 21.33
N GLY B 51 11.07 -32.24 20.06
CA GLY B 51 11.93 -33.19 19.40
C GLY B 51 12.07 -32.80 17.95
N GLU B 52 13.04 -33.40 17.26
CA GLU B 52 13.28 -33.03 15.87
C GLU B 52 12.29 -33.68 14.90
N LYS B 53 11.50 -34.65 15.35
CA LYS B 53 10.46 -35.25 14.53
C LYS B 53 9.36 -35.77 15.47
N ARG B 54 8.16 -35.90 14.91
CA ARG B 54 7.10 -36.26 15.84
C ARG B 54 7.21 -37.72 16.23
N ASP B 55 6.99 -37.92 17.52
CA ASP B 55 7.13 -39.23 18.17
C ASP B 55 6.01 -39.36 19.20
N ASP B 56 4.91 -40.04 18.82
CA ASP B 56 3.78 -40.15 19.74
C ASP B 56 4.12 -40.98 20.96
N ILE B 57 4.92 -42.05 20.78
CA ILE B 57 5.25 -42.95 21.89
C ILE B 57 6.12 -42.26 22.94
N HIS B 58 7.05 -41.40 22.53
CA HIS B 58 7.93 -40.68 23.45
C HIS B 58 7.54 -39.22 23.62
N LYS B 59 6.44 -38.78 22.96
CA LYS B 59 5.82 -37.47 23.05
C LYS B 59 6.84 -36.33 22.79
N LYS B 60 7.37 -36.42 21.59
CA LYS B 60 8.21 -35.33 21.15
C LYS B 60 7.64 -34.78 19.85
N HIS B 61 7.68 -33.45 19.77
CA HIS B 61 7.13 -32.79 18.60
C HIS B 61 7.98 -31.59 18.19
N PRO B 62 8.29 -31.46 16.88
CA PRO B 62 9.11 -30.31 16.43
C PRO B 62 8.40 -28.95 16.48
N CYS B 63 7.08 -28.92 16.46
N CYS B 63 7.07 -28.90 16.47
CA CYS B 63 6.32 -27.67 16.48
CA CYS B 63 6.37 -27.62 16.49
C CYS B 63 6.14 -27.11 17.89
C CYS B 63 6.18 -27.09 17.90
N LEU B 64 6.81 -27.70 18.89
CA LEU B 64 6.73 -27.23 20.28
C LEU B 64 7.80 -26.15 20.49
N VAL B 65 7.62 -25.05 19.78
CA VAL B 65 8.48 -23.87 19.88
C VAL B 65 7.54 -22.68 19.89
N PRO B 66 7.99 -21.46 20.19
CA PRO B 66 7.10 -20.31 20.08
C PRO B 66 6.58 -20.13 18.66
N TYR B 67 5.34 -19.66 18.55
CA TYR B 67 4.75 -19.45 17.24
C TYR B 67 5.60 -18.50 16.39
N ASP B 68 6.05 -17.38 16.97
CA ASP B 68 6.85 -16.36 16.28
C ASP B 68 8.08 -16.95 15.62
N GLU B 69 8.62 -18.03 16.18
CA GLU B 69 9.86 -18.64 15.70
C GLU B 69 9.60 -19.70 14.63
N LEU B 70 8.35 -19.91 14.21
CA LEU B 70 8.05 -20.85 13.14
C LEU B 70 8.49 -20.27 11.79
N PRO B 71 8.77 -21.13 10.80
CA PRO B 71 9.04 -20.63 9.45
C PRO B 71 7.84 -19.89 8.89
N GLU B 72 8.08 -18.99 7.97
CA GLU B 72 7.03 -18.21 7.39
C GLU B 72 6.08 -19.06 6.57
N GLU B 73 6.59 -20.11 5.98
CA GLU B 73 5.76 -21.00 5.20
C GLU B 73 4.75 -21.74 6.08
N GLU B 74 5.14 -22.12 7.30
CA GLU B 74 4.20 -22.78 8.20
C GLU B 74 3.21 -21.78 8.79
N LYS B 75 3.67 -20.55 9.09
CA LYS B 75 2.74 -19.53 9.55
C LYS B 75 1.67 -19.26 8.52
N GLU B 76 2.04 -19.32 7.24
CA GLU B 76 1.07 -19.12 6.17
C GLU B 76 0.02 -20.24 6.19
N ALA B 77 0.50 -21.50 6.24
CA ALA B 77 -0.43 -22.63 6.33
C ALA B 77 -1.34 -22.49 7.55
N ASP B 78 -0.81 -22.00 8.67
CA ASP B 78 -1.62 -21.84 9.87
C ASP B 78 -2.69 -20.76 9.69
N ARG B 79 -2.36 -19.62 9.09
CA ARG B 79 -3.39 -18.62 8.83
C ARG B 79 -4.44 -19.14 7.85
N ASN B 80 -4.02 -19.89 6.83
CA ASN B 80 -5.01 -20.33 5.84
C ASN B 80 -6.00 -21.31 6.45
N THR B 81 -5.52 -22.19 7.32
CA THR B 81 -6.42 -23.14 7.99
C THR B 81 -7.37 -22.47 8.96
N ALA B 82 -6.88 -21.55 9.79
CA ALA B 82 -7.77 -20.77 10.64
C ALA B 82 -8.90 -20.16 9.80
N MSE B 83 -8.55 -19.51 8.69
CA MSE B 83 -9.55 -18.96 7.76
C MSE B 83 -10.42 -20.03 7.07
O MSE B 83 -11.62 -19.83 6.85
CB MSE B 83 -8.85 -18.10 6.71
CG MSE B 83 -8.18 -16.86 7.29
SE MSE B 83 -9.47 -15.67 8.18
CE MSE B 83 -8.90 -15.84 10.03
N ASN B 84 -9.83 -21.18 6.71
CA ASN B 84 -10.64 -22.26 6.15
C ASN B 84 -11.63 -22.81 7.19
N THR B 85 -11.22 -22.88 8.46
CA THR B 85 -12.13 -23.32 9.51
C THR B 85 -13.35 -22.40 9.60
N ILE B 86 -13.11 -21.09 9.53
CA ILE B 86 -14.17 -20.11 9.71
C ILE B 86 -15.07 -20.05 8.51
N LYS B 87 -14.52 -20.22 7.30
CA LYS B 87 -15.35 -20.27 6.10
C LYS B 87 -16.27 -21.50 6.14
N MSE B 88 -15.73 -22.64 6.59
CA MSE B 88 -16.52 -23.84 6.75
C MSE B 88 -17.66 -23.60 7.76
O MSE B 88 -18.77 -24.06 7.56
CB MSE B 88 -15.61 -25.01 7.18
CG MSE B 88 -16.25 -26.39 7.10
SE MSE B 88 -16.92 -26.86 5.30
CE MSE B 88 -18.77 -26.38 5.43
N VAL B 89 -17.40 -22.83 8.83
CA VAL B 89 -18.45 -22.49 9.77
C VAL B 89 -19.54 -21.67 9.10
N LYS B 90 -19.15 -20.69 8.28
CA LYS B 90 -20.13 -19.89 7.55
C LYS B 90 -20.92 -20.73 6.55
N LYS B 91 -20.26 -21.65 5.85
CA LYS B 91 -21.00 -22.43 4.86
C LYS B 91 -21.93 -23.45 5.51
N LEU B 92 -21.67 -23.91 6.73
CA LEU B 92 -22.65 -24.70 7.44
C LEU B 92 -23.81 -23.87 7.99
N GLY B 93 -23.92 -22.59 7.63
CA GLY B 93 -25.08 -21.82 8.02
C GLY B 93 -24.98 -21.03 9.31
N PHE B 94 -23.79 -20.64 9.72
CA PHE B 94 -23.69 -19.73 10.85
C PHE B 94 -23.27 -18.35 10.37
N ARG B 95 -23.81 -17.32 11.03
CA ARG B 95 -23.42 -15.92 10.81
C ARG B 95 -22.23 -15.54 11.68
N ILE B 96 -21.25 -14.88 11.06
CA ILE B 96 -20.06 -14.35 11.72
C ILE B 96 -20.15 -12.83 11.55
N GLU B 97 -20.38 -12.08 12.61
CA GLU B 97 -20.34 -10.63 12.43
C GLU B 97 -19.69 -9.97 13.63
N LYS B 98 -19.05 -8.82 13.37
CA LYS B 98 -18.41 -8.02 14.40
C LYS B 98 -19.47 -7.58 15.37
N GLU B 99 -19.13 -7.53 16.63
CA GLU B 99 -20.12 -7.32 17.67
C GLU B 99 -20.80 -5.98 17.61
N ASP B 100 -22.13 -6.05 17.64
CA ASP B 100 -23.03 -4.91 17.63
C ASP B 100 -23.57 -4.71 19.05
N TYR C 8 12.13 2.26 25.19
CA TYR C 8 11.56 1.83 23.90
C TYR C 8 12.50 2.12 22.73
N ILE C 9 12.86 1.08 22.00
CA ILE C 9 13.73 1.20 20.82
C ILE C 9 13.07 0.59 19.59
N PRO C 10 12.71 1.38 18.58
CA PRO C 10 12.07 0.81 17.39
C PRO C 10 13.07 -0.03 16.61
N GLU C 11 12.62 -1.16 16.08
CA GLU C 11 13.47 -1.80 15.07
C GLU C 11 12.62 -2.27 13.89
N PRO C 12 12.33 -1.34 13.02
CA PRO C 12 11.67 -1.64 11.76
C PRO C 12 12.50 -2.48 10.82
N MSE C 13 11.83 -3.25 10.00
CA MSE C 13 12.46 -3.98 8.97
C MSE C 13 12.97 -2.97 8.02
O MSE C 13 12.30 -1.97 7.75
CB MSE C 13 11.40 -4.77 8.26
CG MSE C 13 11.95 -6.04 7.70
SE MSE C 13 10.53 -7.05 6.81
CE MSE C 13 9.19 -7.11 8.24
N ASP C 14 14.25 -3.06 7.71
CA ASP C 14 14.68 -2.21 6.59
C ASP C 14 14.08 -2.36 5.10
N LEU C 15 13.72 -1.16 4.70
CA LEU C 15 13.09 -1.09 3.41
C LEU C 15 13.96 -0.36 2.41
N SER C 16 15.16 0.01 2.84
CA SER C 16 16.02 0.91 2.09
C SER C 16 16.35 0.46 0.70
N LEU C 17 16.28 -0.84 0.47
CA LEU C 17 16.62 -1.43 -0.82
C LEU C 17 15.41 -1.77 -1.66
N VAL C 18 14.21 -1.38 -1.26
CA VAL C 18 13.00 -1.73 -2.01
C VAL C 18 12.71 -0.63 -3.02
N ASP C 19 12.61 -1.00 -4.30
CA ASP C 19 12.39 -0.05 -5.40
C ASP C 19 10.93 -0.05 -5.79
N LEU C 20 10.25 1.07 -5.63
CA LEU C 20 8.92 1.19 -6.17
C LEU C 20 8.98 1.78 -7.58
N PRO C 21 7.93 1.57 -8.41
CA PRO C 21 7.87 2.30 -9.68
C PRO C 21 7.72 3.80 -9.48
N GLU C 22 8.46 4.57 -10.29
N GLU C 22 8.44 4.58 -10.30
CA GLU C 22 8.40 6.03 -10.21
CA GLU C 22 8.39 6.03 -10.18
C GLU C 22 6.97 6.52 -10.38
C GLU C 22 6.97 6.55 -10.40
N SER C 23 6.21 5.89 -11.29
CA SER C 23 4.83 6.30 -11.56
C SER C 23 3.93 6.16 -10.33
N LEU C 24 4.30 5.28 -9.40
CA LEU C 24 3.56 5.13 -8.16
C LEU C 24 3.97 6.19 -7.14
N ILE C 25 5.28 6.42 -6.97
CA ILE C 25 5.73 7.53 -6.11
C ILE C 25 5.18 8.87 -6.58
N GLN C 26 5.04 9.06 -7.90
CA GLN C 26 4.44 10.31 -8.37
C GLN C 26 3.04 10.52 -7.82
N LEU C 27 2.37 9.44 -7.37
CA LEU C 27 1.01 9.54 -6.88
C LEU C 27 0.92 9.58 -5.36
N SER C 28 2.07 9.68 -4.66
CA SER C 28 2.12 9.74 -3.19
C SER C 28 1.12 10.71 -2.57
N GLU C 29 0.97 11.90 -3.15
CA GLU C 29 0.11 12.92 -2.58
C GLU C 29 -1.35 12.52 -2.68
N ARG C 30 -1.76 11.99 -3.82
CA ARG C 30 -3.14 11.57 -4.01
C ARG C 30 -3.48 10.41 -3.08
N ILE C 31 -2.57 9.43 -2.97
CA ILE C 31 -2.75 8.34 -2.02
C ILE C 31 -2.84 8.87 -0.58
N ALA C 32 -1.89 9.71 -0.16
CA ALA C 32 -1.93 10.25 1.21
C ALA C 32 -3.21 11.04 1.49
N GLU C 33 -3.67 11.84 0.54
CA GLU C 33 -4.90 12.60 0.72
C GLU C 33 -6.09 11.67 0.95
N ASN C 34 -6.24 10.66 0.09
CA ASN C 34 -7.41 9.80 0.21
C ASN C 34 -7.36 8.96 1.48
N VAL C 35 -6.17 8.50 1.85
CA VAL C 35 -5.98 7.80 3.11
C VAL C 35 -6.45 8.67 4.27
N HIS C 36 -6.09 9.96 4.24
CA HIS C 36 -6.59 10.90 5.24
C HIS C 36 -8.11 11.10 5.14
N GLU C 37 -8.63 11.27 3.93
CA GLU C 37 -10.08 11.45 3.77
C GLU C 37 -10.86 10.23 4.26
N VAL C 38 -10.39 9.02 3.93
CA VAL C 38 -11.08 7.82 4.40
C VAL C 38 -11.07 7.77 5.93
N TRP C 39 -9.93 8.09 6.54
CA TRP C 39 -9.84 8.08 7.99
C TRP C 39 -10.78 9.12 8.59
N ALA C 40 -10.85 10.29 7.97
CA ALA C 40 -11.69 11.36 8.48
C ALA C 40 -13.17 11.01 8.37
N LYS C 41 -13.58 10.43 7.23
CA LYS C 41 -14.98 10.08 7.07
C LYS C 41 -15.39 9.03 8.09
N ALA C 42 -14.50 8.09 8.39
CA ALA C 42 -14.83 7.03 9.36
C ALA C 42 -14.96 7.61 10.77
N ARG C 43 -14.03 8.48 11.15
CA ARG C 43 -14.13 9.17 12.45
C ARG C 43 -15.39 10.03 12.54
N ILE C 44 -15.72 10.74 11.46
CA ILE C 44 -16.87 11.64 11.50
C ILE C 44 -18.17 10.86 11.61
N ASP C 45 -18.29 9.77 10.85
CA ASP C 45 -19.50 8.94 10.94
C ASP C 45 -19.76 8.49 12.39
N GLU C 46 -18.69 8.14 13.10
CA GLU C 46 -18.83 7.63 14.46
C GLU C 46 -18.82 8.74 15.51
N GLY C 47 -18.99 10.00 15.10
CA GLY C 47 -19.24 11.09 16.02
C GLY C 47 -18.07 12.01 16.33
N TRP C 48 -16.93 11.85 15.67
CA TRP C 48 -15.79 12.70 15.95
C TRP C 48 -15.98 14.08 15.34
N THR C 49 -15.43 15.09 16.01
CA THR C 49 -15.41 16.45 15.48
C THR C 49 -14.05 17.06 15.75
N TYR C 50 -13.78 18.16 15.05
CA TYR C 50 -12.53 18.88 15.25
C TYR C 50 -12.38 19.33 16.70
N GLY C 51 -11.21 19.05 17.27
CA GLY C 51 -10.74 19.71 18.47
C GLY C 51 -9.28 20.07 18.27
N GLU C 52 -8.74 20.83 19.22
CA GLU C 52 -7.34 21.26 19.21
C GLU C 52 -6.39 20.13 19.58
N LYS C 53 -6.89 19.22 20.42
CA LYS C 53 -6.10 18.11 20.95
C LYS C 53 -6.91 16.82 20.78
N ARG C 54 -6.22 15.73 20.42
CA ARG C 54 -6.82 14.41 20.37
C ARG C 54 -7.45 14.07 21.73
N ASP C 55 -8.76 13.82 21.75
CA ASP C 55 -9.53 13.56 22.96
C ASP C 55 -10.44 12.37 22.65
N ASP C 56 -10.10 11.19 23.11
CA ASP C 56 -10.85 10.02 22.76
C ASP C 56 -12.22 9.96 23.39
N ILE C 57 -12.36 10.56 24.56
CA ILE C 57 -13.61 10.52 25.26
C ILE C 57 -14.62 11.43 24.62
N HIS C 58 -14.18 12.62 24.24
CA HIS C 58 -15.07 13.56 23.62
C HIS C 58 -14.97 13.51 22.11
N LYS C 59 -14.27 12.52 21.60
CA LYS C 59 -14.06 12.39 20.17
C LYS C 59 -13.67 13.69 19.47
N LYS C 60 -12.63 14.31 19.96
CA LYS C 60 -12.05 15.51 19.35
C LYS C 60 -10.73 15.14 18.69
N HIS C 61 -10.51 15.63 17.47
CA HIS C 61 -9.22 15.38 16.82
C HIS C 61 -8.77 16.52 15.92
N PRO C 62 -7.53 17.01 16.11
CA PRO C 62 -7.07 18.16 15.30
C PRO C 62 -6.92 17.85 13.81
N CYS C 63 -6.71 16.60 13.42
CA CYS C 63 -6.57 16.30 12.01
C CYS C 63 -7.90 16.20 11.29
N LEU C 64 -9.02 16.47 11.96
CA LEU C 64 -10.31 16.46 11.27
C LEU C 64 -10.47 17.80 10.56
N VAL C 65 -9.61 17.98 9.54
CA VAL C 65 -9.57 19.14 8.66
C VAL C 65 -9.25 18.63 7.27
N PRO C 66 -9.53 19.42 6.22
CA PRO C 66 -9.16 18.99 4.87
C PRO C 66 -7.66 18.75 4.75
N TYR C 67 -7.32 17.67 4.05
CA TYR C 67 -5.91 17.30 3.89
C TYR C 67 -5.06 18.48 3.41
N ASP C 68 -5.59 19.27 2.45
CA ASP C 68 -4.81 20.35 1.84
C ASP C 68 -4.40 21.41 2.85
N GLU C 69 -5.20 21.62 3.91
CA GLU C 69 -4.86 22.60 4.94
C GLU C 69 -3.84 22.09 5.94
N LEU C 70 -3.44 20.83 5.87
CA LEU C 70 -2.42 20.35 6.78
C LEU C 70 -1.11 21.09 6.50
N PRO C 71 -0.26 21.26 7.50
CA PRO C 71 1.07 21.81 7.23
C PRO C 71 1.89 20.88 6.35
N GLU C 72 2.83 21.47 5.61
N GLU C 72 2.82 21.47 5.60
CA GLU C 72 3.60 20.71 4.63
CA GLU C 72 3.60 20.70 4.64
C GLU C 72 4.43 19.59 5.27
C GLU C 72 4.36 19.55 5.30
N GLU C 73 4.86 19.77 6.52
CA GLU C 73 5.64 18.68 7.13
C GLU C 73 4.76 17.50 7.54
N GLU C 74 3.47 17.71 7.79
CA GLU C 74 2.57 16.60 8.03
C GLU C 74 2.26 15.83 6.75
N LYS C 75 1.92 16.55 5.66
CA LYS C 75 1.74 15.94 4.34
C LYS C 75 2.94 15.09 3.95
N GLU C 76 4.13 15.56 4.28
CA GLU C 76 5.37 14.82 4.00
C GLU C 76 5.43 13.51 4.80
N ALA C 77 5.18 13.58 6.12
CA ALA C 77 5.10 12.34 6.88
C ALA C 77 4.02 11.42 6.33
N ASP C 78 2.93 11.99 5.81
CA ASP C 78 1.86 11.13 5.27
C ASP C 78 2.28 10.46 3.96
N ARG C 79 2.92 11.19 3.04
CA ARG C 79 3.40 10.54 1.82
C ARG C 79 4.44 9.47 2.14
N ASN C 80 5.37 9.77 3.05
CA ASN C 80 6.38 8.79 3.44
C ASN C 80 5.73 7.53 4.01
N THR C 81 4.74 7.70 4.89
CA THR C 81 4.06 6.54 5.47
C THR C 81 3.35 5.72 4.40
N ALA C 82 2.72 6.39 3.42
CA ALA C 82 2.07 5.64 2.34
C ALA C 82 3.09 4.82 1.54
N MSE C 83 4.25 5.42 1.21
CA MSE C 83 5.24 4.68 0.43
C MSE C 83 5.91 3.55 1.26
O MSE C 83 6.21 2.49 0.72
CB MSE C 83 6.32 5.65 -0.14
CG MSE C 83 5.81 6.62 -1.18
SE MSE C 83 4.93 5.80 -2.81
CE MSE C 83 3.06 6.14 -2.39
N ASN C 84 6.16 3.80 2.55
CA ASN C 84 6.64 2.73 3.43
C ASN C 84 5.64 1.56 3.49
N THR C 85 4.35 1.86 3.54
CA THR C 85 3.35 0.82 3.49
C THR C 85 3.52 -0.06 2.26
N ILE C 86 3.65 0.57 1.07
CA ILE C 86 3.78 -0.19 -0.18
C ILE C 86 5.12 -0.92 -0.25
N LYS C 87 6.18 -0.33 0.32
CA LYS C 87 7.47 -1.02 0.31
C LYS C 87 7.42 -2.28 1.16
N MSE C 88 6.85 -2.20 2.36
CA MSE C 88 6.54 -3.41 3.14
C MSE C 88 5.76 -4.47 2.34
O MSE C 88 6.11 -5.63 2.36
CB MSE C 88 5.75 -3.06 4.39
CG MSE C 88 5.84 -4.16 5.43
SE MSE C 88 7.68 -4.66 5.97
CE MSE C 88 7.75 -6.49 5.12
N VAL C 89 4.71 -4.05 1.64
CA VAL C 89 3.95 -4.98 0.82
C VAL C 89 4.89 -5.73 -0.12
N LYS C 90 5.77 -4.97 -0.79
CA LYS C 90 6.77 -5.55 -1.68
C LYS C 90 7.74 -6.45 -0.92
N LYS C 91 8.15 -6.03 0.28
CA LYS C 91 9.13 -6.80 1.03
C LYS C 91 8.59 -8.16 1.45
N LEU C 92 7.26 -8.31 1.56
CA LEU C 92 6.62 -9.58 1.91
C LEU C 92 6.25 -10.43 0.69
N GLY C 93 6.77 -10.09 -0.49
CA GLY C 93 6.67 -10.96 -1.63
C GLY C 93 5.46 -10.76 -2.50
N PHE C 94 4.93 -9.54 -2.58
CA PHE C 94 3.91 -9.23 -3.56
C PHE C 94 4.50 -8.35 -4.65
N ARG C 95 4.03 -8.55 -5.87
CA ARG C 95 4.49 -7.72 -6.94
C ARG C 95 3.51 -6.59 -7.20
N ILE C 96 4.04 -5.40 -7.38
CA ILE C 96 3.29 -4.18 -7.67
C ILE C 96 3.81 -3.67 -9.01
N GLU C 97 2.95 -3.68 -10.03
CA GLU C 97 3.35 -3.03 -11.28
C GLU C 97 2.12 -2.45 -11.95
N LYS C 98 2.39 -1.43 -12.76
CA LYS C 98 1.26 -0.80 -13.43
C LYS C 98 0.66 -1.75 -14.45
N GLU C 99 -0.65 -1.63 -14.57
CA GLU C 99 -1.39 -2.57 -15.41
C GLU C 99 -1.47 -2.06 -16.85
N ASP C 100 -1.40 -3.00 -17.80
CA ASP C 100 -1.43 -2.71 -19.24
C ASP C 100 -2.66 -1.91 -19.64
N LEU D 6 -16.19 21.78 11.91
CA LEU D 6 -17.57 22.26 11.83
C LEU D 6 -18.17 21.82 10.51
N ASP D 7 -17.80 22.57 9.49
CA ASP D 7 -18.24 22.44 8.10
C ASP D 7 -17.50 21.38 7.29
N TYR D 8 -16.51 20.73 7.89
CA TYR D 8 -15.67 19.81 7.14
C TYR D 8 -16.40 18.54 6.74
N ILE D 9 -16.50 18.31 5.45
CA ILE D 9 -17.13 17.11 4.93
C ILE D 9 -16.14 16.33 4.07
N PRO D 10 -15.48 15.34 4.64
CA PRO D 10 -14.59 14.47 3.86
C PRO D 10 -15.35 13.78 2.74
N GLU D 11 -14.78 13.81 1.54
CA GLU D 11 -15.31 12.98 0.46
C GLU D 11 -14.15 12.16 -0.11
N PRO D 12 -13.84 11.06 0.56
CA PRO D 12 -12.82 10.15 0.05
C PRO D 12 -13.31 9.44 -1.20
N MSE D 13 -12.38 8.86 -1.94
CA MSE D 13 -12.70 8.02 -3.04
C MSE D 13 -13.16 6.75 -2.36
O MSE D 13 -12.50 6.32 -1.43
CB MSE D 13 -11.41 7.89 -3.82
CG MSE D 13 -11.26 8.92 -4.92
SE MSE D 13 -9.47 8.84 -5.75
CE MSE D 13 -9.63 7.11 -6.62
N ASP D 14 -14.30 6.18 -2.75
CA ASP D 14 -14.78 4.98 -2.09
C ASP D 14 -13.99 3.75 -2.54
N LEU D 15 -13.54 2.99 -1.54
CA LEU D 15 -12.72 1.80 -1.74
C LEU D 15 -13.43 0.52 -1.34
N SER D 16 -14.74 0.60 -1.07
CA SER D 16 -15.48 -0.55 -0.57
C SER D 16 -15.49 -1.72 -1.55
N LEU D 17 -15.44 -1.47 -2.84
CA LEU D 17 -15.50 -2.54 -3.83
C LEU D 17 -14.14 -2.97 -4.36
N VAL D 18 -13.04 -2.51 -3.77
CA VAL D 18 -11.70 -2.90 -4.19
C VAL D 18 -11.34 -4.20 -3.50
N ASP D 19 -10.79 -5.14 -4.26
CA ASP D 19 -10.47 -6.48 -3.76
C ASP D 19 -8.97 -6.66 -3.65
N LEU D 20 -8.52 -6.99 -2.47
CA LEU D 20 -7.13 -7.38 -2.31
C LEU D 20 -7.04 -8.91 -2.20
N PRO D 21 -5.89 -9.49 -2.54
CA PRO D 21 -5.69 -10.91 -2.21
C PRO D 21 -5.74 -11.11 -0.71
N GLU D 22 -6.42 -12.18 -0.31
CA GLU D 22 -6.61 -12.48 1.11
C GLU D 22 -5.29 -12.73 1.81
N SER D 23 -4.35 -13.39 1.14
CA SER D 23 -3.02 -13.58 1.72
C SER D 23 -2.39 -12.26 2.11
N LEU D 24 -2.73 -11.17 1.42
CA LEU D 24 -2.20 -9.86 1.80
C LEU D 24 -2.96 -9.28 2.99
N ILE D 25 -4.30 -9.40 2.99
CA ILE D 25 -5.06 -8.92 4.14
C ILE D 25 -4.64 -9.66 5.42
N GLN D 26 -4.24 -10.92 5.29
CA GLN D 26 -3.76 -11.66 6.46
C GLN D 26 -2.53 -11.03 7.09
N LEU D 27 -1.79 -10.22 6.35
CA LEU D 27 -0.55 -9.64 6.86
C LEU D 27 -0.72 -8.20 7.32
N SER D 28 -1.97 -7.73 7.43
CA SER D 28 -2.24 -6.34 7.81
C SER D 28 -1.49 -5.95 9.08
N GLU D 29 -1.43 -6.87 10.05
CA GLU D 29 -0.87 -6.60 11.37
C GLU D 29 0.63 -6.37 11.28
N ARG D 30 1.31 -7.27 10.57
CA ARG D 30 2.75 -7.07 10.44
C ARG D 30 3.04 -5.81 9.63
N ILE D 31 2.22 -5.48 8.63
CA ILE D 31 2.39 -4.26 7.87
C ILE D 31 2.16 -3.05 8.77
N ALA D 32 1.04 -3.02 9.50
CA ALA D 32 0.78 -1.91 10.43
C ALA D 32 1.92 -1.71 11.40
N GLU D 33 2.48 -2.82 11.90
CA GLU D 33 3.53 -2.76 12.92
C GLU D 33 4.79 -2.12 12.37
N ASN D 34 5.24 -2.59 11.20
CA ASN D 34 6.44 -2.02 10.62
C ASN D 34 6.25 -0.56 10.24
N VAL D 35 5.10 -0.23 9.65
CA VAL D 35 4.76 1.17 9.37
C VAL D 35 4.94 2.00 10.64
N HIS D 36 4.47 1.48 11.77
CA HIS D 36 4.59 2.20 13.04
C HIS D 36 6.05 2.28 13.50
N GLU D 37 6.79 1.18 13.41
CA GLU D 37 8.20 1.17 13.83
C GLU D 37 9.02 2.17 13.01
N VAL D 38 8.79 2.23 11.69
CA VAL D 38 9.51 3.16 10.83
C VAL D 38 9.21 4.59 11.26
N TRP D 39 7.93 4.91 11.49
CA TRP D 39 7.59 6.26 11.93
C TRP D 39 8.24 6.58 13.27
N ALA D 40 8.24 5.60 14.18
CA ALA D 40 8.80 5.83 15.51
C ALA D 40 10.29 6.10 15.41
N LYS D 41 11.00 5.33 14.59
CA LYS D 41 12.44 5.48 14.46
C LYS D 41 12.79 6.87 13.92
N ALA D 42 12.11 7.30 12.86
CA ALA D 42 12.37 8.63 12.32
C ALA D 42 12.14 9.71 13.37
N ARG D 43 11.11 9.55 14.19
CA ARG D 43 10.79 10.57 15.18
C ARG D 43 11.82 10.62 16.31
N ILE D 44 12.19 9.44 16.82
CA ILE D 44 13.15 9.36 17.92
C ILE D 44 14.53 9.86 17.47
N ASP D 45 14.91 9.54 16.23
CA ASP D 45 16.17 10.02 15.68
C ASP D 45 16.17 11.53 15.45
N GLU D 46 15.01 12.18 15.52
CA GLU D 46 14.94 13.63 15.46
C GLU D 46 14.80 14.26 16.84
N GLY D 47 14.86 13.47 17.90
CA GLY D 47 14.68 14.00 19.24
C GLY D 47 13.29 13.94 19.79
N TRP D 48 12.39 13.17 19.19
CA TRP D 48 11.06 13.03 19.76
C TRP D 48 11.13 12.06 20.91
N THR D 49 10.23 12.25 21.88
CA THR D 49 10.13 11.44 23.10
C THR D 49 8.66 11.13 23.36
N TYR D 50 8.40 10.08 24.13
CA TYR D 50 7.05 9.81 24.61
C TYR D 50 6.50 10.93 25.50
N GLY D 51 5.22 11.25 25.30
CA GLY D 51 4.49 12.17 26.15
C GLY D 51 3.00 11.90 26.01
N GLU D 52 2.22 12.37 26.99
CA GLU D 52 0.81 12.03 27.10
C GLU D 52 -0.03 12.60 25.96
N LYS D 53 0.47 13.64 25.30
CA LYS D 53 -0.23 14.40 24.27
C LYS D 53 0.82 14.81 23.26
N ARG D 54 0.40 14.94 22.00
CA ARG D 54 1.32 15.40 20.96
C ARG D 54 1.67 16.86 21.20
N ASP D 55 2.97 17.15 21.28
CA ASP D 55 3.50 18.51 21.39
C ASP D 55 4.61 18.68 20.36
N ASP D 56 4.35 19.49 19.33
CA ASP D 56 5.36 19.71 18.29
C ASP D 56 6.53 20.54 18.81
N ILE D 57 6.26 21.52 19.69
CA ILE D 57 7.33 22.32 20.28
C ILE D 57 8.32 21.45 21.03
N HIS D 58 7.81 20.50 21.82
CA HIS D 58 8.67 19.71 22.70
C HIS D 58 8.99 18.35 22.15
N LYS D 59 8.58 18.07 20.91
CA LYS D 59 8.83 16.80 20.25
C LYS D 59 8.38 15.64 21.15
N LYS D 60 7.13 15.73 21.59
CA LYS D 60 6.55 14.74 22.49
C LYS D 60 5.35 14.11 21.82
N HIS D 61 5.25 12.78 21.92
CA HIS D 61 4.15 12.06 21.25
C HIS D 61 3.67 10.83 22.01
N PRO D 62 2.35 10.62 22.11
CA PRO D 62 1.86 9.44 22.84
C PRO D 62 2.08 8.12 22.12
N CYS D 63 2.22 8.11 20.79
CA CYS D 63 2.37 6.83 20.09
C CYS D 63 3.80 6.33 20.06
N LEU D 64 4.73 7.00 20.75
CA LEU D 64 6.12 6.55 20.81
C LEU D 64 6.22 5.49 21.90
N VAL D 65 5.56 4.36 21.63
CA VAL D 65 5.54 3.16 22.48
C VAL D 65 5.64 1.97 21.54
N PRO D 66 5.98 0.77 22.01
CA PRO D 66 5.98 -0.38 21.11
C PRO D 66 4.58 -0.62 20.54
N TYR D 67 4.55 -1.08 19.28
CA TYR D 67 3.27 -1.31 18.62
C TYR D 67 2.35 -2.22 19.43
N ASP D 68 2.89 -3.28 20.02
CA ASP D 68 2.21 -4.28 20.85
C ASP D 68 1.24 -3.64 21.86
N GLU D 69 1.81 -2.64 22.54
CA GLU D 69 1.16 -1.92 23.64
C GLU D 69 0.16 -0.89 23.18
N LEU D 70 -0.08 -0.74 21.89
CA LEU D 70 -1.14 0.17 21.50
C LEU D 70 -2.49 -0.47 21.81
N PRO D 71 -3.50 0.34 22.10
CA PRO D 71 -4.87 -0.18 22.27
C PRO D 71 -5.36 -0.93 21.04
N GLU D 72 -6.28 -1.88 21.26
CA GLU D 72 -6.78 -2.64 20.12
C GLU D 72 -7.45 -1.75 19.07
N GLU D 73 -8.16 -0.68 19.46
CA GLU D 73 -8.82 0.10 18.42
C GLU D 73 -7.82 0.91 17.62
N GLU D 74 -6.69 1.30 18.22
CA GLU D 74 -5.66 1.98 17.45
C GLU D 74 -5.03 1.03 16.44
N LYS D 75 -4.61 -0.16 16.90
CA LYS D 75 -4.12 -1.19 16.00
C LYS D 75 -5.11 -1.48 14.88
N GLU D 76 -6.40 -1.45 15.19
CA GLU D 76 -7.40 -1.70 14.17
C GLU D 76 -7.41 -0.57 13.15
N ALA D 77 -7.43 0.68 13.62
CA ALA D 77 -7.30 1.81 12.71
C ALA D 77 -6.04 1.70 11.87
N ASP D 78 -4.94 1.20 12.45
CA ASP D 78 -3.69 1.08 11.70
C ASP D 78 -3.76 0.00 10.63
N ARG D 79 -4.37 -1.14 10.94
CA ARG D 79 -4.50 -2.18 9.90
C ARG D 79 -5.39 -1.68 8.77
N ASN D 80 -6.45 -0.98 9.12
CA ASN D 80 -7.30 -0.37 8.14
C ASN D 80 -6.61 0.65 7.23
N THR D 81 -5.77 1.49 7.78
CA THR D 81 -5.06 2.47 6.99
C THR D 81 -4.11 1.78 6.03
N ALA D 82 -3.43 0.76 6.52
CA ALA D 82 -2.55 0.00 5.69
C ALA D 82 -3.28 -0.62 4.52
N MSE D 83 -4.46 -1.18 4.75
CA MSE D 83 -5.22 -1.78 3.65
C MSE D 83 -5.85 -0.74 2.72
O MSE D 83 -5.88 -0.95 1.52
CB MSE D 83 -6.31 -2.74 4.18
CG MSE D 83 -5.72 -3.97 4.87
SE MSE D 83 -4.56 -5.12 3.77
CE MSE D 83 -2.82 -4.71 4.57
N ASN D 84 -6.34 0.38 3.27
CA ASN D 84 -6.85 1.43 2.39
C ASN D 84 -5.73 2.01 1.53
N THR D 85 -4.50 2.05 2.07
CA THR D 85 -3.38 2.52 1.27
C THR D 85 -3.18 1.61 0.08
N ILE D 86 -3.18 0.29 0.31
CA ILE D 86 -2.99 -0.62 -0.80
C ILE D 86 -4.20 -0.63 -1.72
N LYS D 87 -5.39 -0.35 -1.20
CA LYS D 87 -6.56 -0.36 -2.07
C LYS D 87 -6.50 0.81 -3.05
N MSE D 88 -6.00 1.95 -2.57
CA MSE D 88 -5.80 3.16 -3.35
C MSE D 88 -4.85 2.85 -4.49
O MSE D 88 -5.10 3.26 -5.61
CB MSE D 88 -5.28 4.30 -2.48
CG MSE D 88 -6.34 5.34 -2.11
SE MSE D 88 -7.37 6.02 -3.69
CE MSE D 88 -5.98 7.10 -4.54
N VAL D 89 -3.78 2.12 -4.19
CA VAL D 89 -2.79 1.80 -5.23
C VAL D 89 -3.45 0.99 -6.35
N LYS D 90 -4.19 -0.03 -5.99
CA LYS D 90 -4.94 -0.75 -6.96
C LYS D 90 -5.92 0.17 -7.67
N LYS D 91 -6.58 1.02 -6.92
CA LYS D 91 -7.58 1.90 -7.52
C LYS D 91 -6.94 2.84 -8.55
N LEU D 92 -5.68 3.24 -8.33
CA LEU D 92 -4.98 4.08 -9.28
C LEU D 92 -4.45 3.30 -10.47
N GLY D 93 -4.74 2.00 -10.56
CA GLY D 93 -4.35 1.23 -11.71
C GLY D 93 -3.06 0.46 -11.59
N PHE D 94 -2.72 -0.04 -10.42
CA PHE D 94 -1.59 -0.94 -10.27
C PHE D 94 -2.12 -2.31 -9.88
N ARG D 95 -1.39 -3.34 -10.27
CA ARG D 95 -1.74 -4.70 -9.99
C ARG D 95 -0.96 -5.20 -8.79
N ILE D 96 -1.59 -5.95 -7.90
CA ILE D 96 -0.97 -6.44 -6.67
C ILE D 96 -1.25 -7.93 -6.57
N GLU D 97 -0.20 -8.75 -6.58
CA GLU D 97 -0.34 -10.19 -6.48
C GLU D 97 0.90 -10.79 -5.87
N LYS D 98 0.68 -11.78 -4.99
CA LYS D 98 1.74 -12.63 -4.47
C LYS D 98 2.57 -13.23 -5.60
N GLU D 99 3.87 -13.26 -5.42
CA GLU D 99 4.74 -13.75 -6.44
C GLU D 99 4.89 -15.24 -6.29
N ASP D 100 4.89 -15.95 -7.39
CA ASP D 100 5.00 -17.40 -7.37
C ASP D 100 6.06 -17.90 -6.42
N ASP E 7 9.90 9.12 -41.02
CA ASP E 7 11.15 9.76 -41.42
C ASP E 7 11.94 10.18 -40.19
N TYR E 8 11.32 10.99 -39.35
CA TYR E 8 11.93 11.52 -38.14
C TYR E 8 12.20 10.47 -37.09
N ILE E 9 13.42 10.44 -36.61
CA ILE E 9 13.79 9.49 -35.60
C ILE E 9 14.41 10.19 -34.40
N PRO E 10 13.63 10.21 -33.24
CA PRO E 10 14.23 10.97 -32.14
C PRO E 10 15.39 10.25 -31.53
N GLU E 11 16.36 10.98 -31.02
CA GLU E 11 17.46 10.38 -30.27
C GLU E 11 17.63 11.13 -28.94
N PRO E 12 16.76 10.82 -27.99
CA PRO E 12 16.88 11.41 -26.64
C PRO E 12 18.18 10.99 -25.99
N MSE E 13 18.70 11.87 -25.15
CA MSE E 13 19.74 11.45 -24.23
C MSE E 13 19.07 10.57 -23.19
O MSE E 13 18.05 10.95 -22.61
CB MSE E 13 20.43 12.63 -23.59
CG MSE E 13 21.43 12.31 -22.50
SE MSE E 13 22.42 13.94 -22.05
CE MSE E 13 23.02 14.36 -23.86
N ASP E 14 19.62 9.37 -22.96
CA ASP E 14 18.98 8.39 -22.09
C ASP E 14 19.03 8.83 -20.63
N LEU E 15 17.85 8.96 -20.03
CA LEU E 15 17.68 9.41 -18.65
C LEU E 15 17.45 8.27 -17.69
N SER E 16 17.28 7.05 -18.21
CA SER E 16 16.75 5.94 -17.42
C SER E 16 17.57 5.60 -16.17
N LEU E 17 18.84 5.97 -16.13
CA LEU E 17 19.67 5.68 -14.97
C LEU E 17 19.88 6.88 -14.06
N VAL E 18 19.09 7.93 -14.18
CA VAL E 18 19.25 9.11 -13.33
C VAL E 18 18.32 8.95 -12.12
N ASP E 19 18.88 9.02 -10.93
CA ASP E 19 18.15 8.83 -9.69
C ASP E 19 17.83 10.17 -9.05
N LEU E 20 16.57 10.47 -8.92
CA LEU E 20 16.15 11.65 -8.19
C LEU E 20 15.81 11.28 -6.75
N PRO E 21 15.80 12.24 -5.82
CA PRO E 21 15.29 11.94 -4.49
C PRO E 21 13.81 11.57 -4.53
N GLU E 22 13.47 10.49 -3.84
CA GLU E 22 12.06 10.10 -3.75
C GLU E 22 11.20 11.24 -3.22
N SER E 23 11.74 12.03 -2.29
CA SER E 23 10.98 13.18 -1.77
C SER E 23 10.63 14.17 -2.89
N LEU E 24 11.43 14.21 -3.95
CA LEU E 24 11.12 15.14 -5.02
C LEU E 24 10.12 14.54 -6.01
N ILE E 25 10.31 13.29 -6.43
CA ILE E 25 9.32 12.52 -7.19
C ILE E 25 7.94 12.57 -6.53
N GLN E 26 7.88 12.56 -5.20
CA GLN E 26 6.55 12.63 -4.60
C GLN E 26 5.88 13.98 -4.85
N LEU E 27 6.62 15.00 -5.30
CA LEU E 27 6.02 16.29 -5.54
C LEU E 27 5.72 16.55 -7.02
N SER E 28 5.80 15.50 -7.85
CA SER E 28 5.60 15.58 -9.30
C SER E 28 4.33 16.33 -9.67
N GLU E 29 3.26 16.04 -8.97
CA GLU E 29 1.96 16.62 -9.27
C GLU E 29 1.91 18.10 -8.98
N ARG E 30 2.45 18.50 -7.86
CA ARG E 30 2.55 19.92 -7.49
C ARG E 30 3.34 20.69 -8.53
N ILE E 31 4.49 20.13 -8.92
CA ILE E 31 5.34 20.73 -9.93
C ILE E 31 4.61 20.84 -11.26
N ALA E 32 4.00 19.73 -11.70
CA ALA E 32 3.30 19.75 -12.99
C ALA E 32 2.13 20.71 -12.96
N GLU E 33 1.40 20.76 -11.84
CA GLU E 33 0.23 21.62 -11.75
C GLU E 33 0.64 23.08 -11.87
N ASN E 34 1.66 23.49 -11.13
CA ASN E 34 2.03 24.90 -11.21
C ASN E 34 2.68 25.23 -12.54
N VAL E 35 3.46 24.30 -13.09
CA VAL E 35 4.01 24.51 -14.41
C VAL E 35 2.89 24.78 -15.40
N HIS E 36 1.80 24.02 -15.32
CA HIS E 36 0.62 24.24 -16.16
C HIS E 36 -0.05 25.58 -15.86
N GLU E 37 -0.21 25.92 -14.57
CA GLU E 37 -0.80 27.19 -14.16
C GLU E 37 0.03 28.39 -14.58
N VAL E 38 1.36 28.26 -14.61
CA VAL E 38 2.19 29.39 -15.04
C VAL E 38 2.02 29.58 -16.55
N TRP E 39 2.07 28.50 -17.31
CA TRP E 39 1.83 28.56 -18.75
C TRP E 39 0.46 29.16 -19.05
N ALA E 40 -0.56 28.77 -18.30
CA ALA E 40 -1.92 29.20 -18.62
C ALA E 40 -2.12 30.68 -18.31
N LYS E 41 -1.54 31.18 -17.22
CA LYS E 41 -1.61 32.60 -16.92
C LYS E 41 -0.96 33.43 -18.03
N ALA E 42 0.23 33.03 -18.47
CA ALA E 42 0.91 33.76 -19.52
C ALA E 42 0.08 33.82 -20.80
N ARG E 43 -0.63 32.74 -21.08
CA ARG E 43 -1.46 32.69 -22.25
C ARG E 43 -2.70 33.53 -22.09
N ILE E 44 -3.36 33.41 -20.95
CA ILE E 44 -4.61 34.12 -20.70
C ILE E 44 -4.36 35.63 -20.72
N ASP E 45 -3.16 36.02 -20.33
CA ASP E 45 -2.80 37.42 -20.31
C ASP E 45 -2.50 37.93 -21.70
N GLU E 46 -2.50 37.07 -22.69
CA GLU E 46 -2.02 37.47 -23.99
C GLU E 46 -2.99 37.59 -25.16
N GLY E 47 -4.29 37.42 -24.99
CA GLY E 47 -4.92 36.61 -24.00
C GLY E 47 -5.60 35.52 -24.80
N TRP E 48 -5.11 34.31 -24.63
CA TRP E 48 -5.70 33.16 -25.20
C TRP E 48 -6.95 32.86 -24.42
N THR E 49 -7.82 32.06 -25.00
CA THR E 49 -9.01 31.55 -24.33
C THR E 49 -9.17 30.07 -24.66
N TYR E 50 -10.10 29.42 -23.98
CA TYR E 50 -10.30 28.01 -24.23
C TYR E 50 -10.89 27.78 -25.61
N GLY E 51 -10.48 26.69 -26.24
CA GLY E 51 -11.09 26.23 -27.48
C GLY E 51 -10.84 24.74 -27.59
N GLU E 52 -11.64 24.08 -28.45
CA GLU E 52 -11.59 22.62 -28.58
C GLU E 52 -10.27 22.14 -29.18
N LYS E 53 -9.54 22.98 -29.92
CA LYS E 53 -8.26 22.58 -30.45
C LYS E 53 -7.33 23.77 -30.44
N ARG E 54 -6.03 23.50 -30.63
CA ARG E 54 -5.07 24.60 -30.67
C ARG E 54 -5.26 25.41 -31.95
N ASP E 55 -5.44 26.73 -31.81
CA ASP E 55 -5.54 27.65 -32.94
C ASP E 55 -4.72 28.92 -32.66
N ASP E 56 -3.54 29.00 -33.27
CA ASP E 56 -2.64 30.12 -33.01
C ASP E 56 -3.24 31.46 -33.44
N ILE E 57 -3.94 31.48 -34.60
CA ILE E 57 -4.46 32.73 -35.14
C ILE E 57 -5.47 33.35 -34.19
N HIS E 58 -6.43 32.57 -33.73
CA HIS E 58 -7.43 33.08 -32.80
C HIS E 58 -7.02 32.90 -31.35
N LYS E 59 -5.84 32.36 -31.07
CA LYS E 59 -5.33 32.24 -29.72
C LYS E 59 -6.29 31.44 -28.82
N LYS E 60 -6.52 30.21 -29.24
CA LYS E 60 -7.39 29.30 -28.52
C LYS E 60 -6.65 27.99 -28.25
N HIS E 61 -6.87 27.42 -27.07
CA HIS E 61 -6.16 26.21 -26.65
C HIS E 61 -7.00 25.34 -25.74
N PRO E 62 -7.02 24.02 -25.98
CA PRO E 62 -7.83 23.13 -25.12
C PRO E 62 -7.28 22.96 -23.72
N CYS E 63 -5.98 23.14 -23.50
N CYS E 63 -5.99 23.17 -23.51
CA CYS E 63 -5.42 22.96 -22.17
CA CYS E 63 -5.38 22.98 -22.20
C CYS E 63 -5.65 24.15 -21.24
C CYS E 63 -5.62 24.16 -21.25
N LEU E 64 -6.44 25.13 -21.66
CA LEU E 64 -6.75 26.29 -20.80
C LEU E 64 -7.96 26.01 -19.92
N VAL E 65 -7.82 24.96 -19.10
CA VAL E 65 -8.78 24.61 -18.05
C VAL E 65 -7.93 24.46 -16.79
N PRO E 66 -8.55 24.34 -15.60
CA PRO E 66 -7.76 24.06 -14.39
C PRO E 66 -7.08 22.70 -14.49
N TYR E 67 -5.86 22.63 -13.95
CA TYR E 67 -5.04 21.42 -14.03
C TYR E 67 -5.83 20.18 -13.59
N ASP E 68 -6.58 20.30 -12.49
CA ASP E 68 -7.26 19.14 -11.93
C ASP E 68 -8.27 18.56 -12.89
N GLU E 69 -8.86 19.39 -13.76
CA GLU E 69 -9.83 18.92 -14.74
C GLU E 69 -9.21 18.24 -15.96
N LEU E 70 -7.89 18.15 -16.06
CA LEU E 70 -7.32 17.50 -17.23
C LEU E 70 -7.48 15.98 -17.08
N PRO E 71 -7.54 15.25 -18.20
CA PRO E 71 -7.58 13.79 -18.11
C PRO E 71 -6.30 13.26 -17.48
N GLU E 72 -6.45 12.14 -16.76
CA GLU E 72 -5.32 11.58 -16.02
C GLU E 72 -4.15 11.24 -16.94
N GLU E 73 -4.43 10.86 -18.19
CA GLU E 73 -3.38 10.56 -19.14
C GLU E 73 -2.52 11.79 -19.44
N GLU E 74 -3.13 12.97 -19.43
CA GLU E 74 -2.38 14.20 -19.60
C GLU E 74 -1.55 14.53 -18.35
N LYS E 75 -2.19 14.44 -17.16
CA LYS E 75 -1.47 14.70 -15.92
C LYS E 75 -0.27 13.77 -15.78
N GLU E 76 -0.42 12.52 -16.20
CA GLU E 76 0.70 11.59 -16.18
C GLU E 76 1.82 12.03 -17.13
N ALA E 77 1.46 12.46 -18.34
CA ALA E 77 2.44 13.03 -19.26
C ALA E 77 3.15 14.25 -18.68
N ASP E 78 2.40 15.10 -17.99
CA ASP E 78 2.96 16.30 -17.38
C ASP E 78 3.92 15.99 -16.25
N ARG E 79 3.55 15.05 -15.36
CA ARG E 79 4.47 14.67 -14.28
C ARG E 79 5.75 14.06 -14.85
N ASN E 80 5.61 13.22 -15.86
CA ASN E 80 6.79 12.58 -16.45
C ASN E 80 7.71 13.61 -17.07
N THR E 81 7.14 14.60 -17.79
CA THR E 81 7.94 15.67 -18.36
C THR E 81 8.63 16.52 -17.28
N ALA E 82 7.92 16.86 -16.21
CA ALA E 82 8.56 17.55 -15.09
C ALA E 82 9.76 16.76 -14.57
N MSE E 83 9.57 15.46 -14.32
CA MSE E 83 10.66 14.62 -13.83
C MSE E 83 11.81 14.43 -14.83
O MSE E 83 12.96 14.36 -14.43
CB MSE E 83 10.13 13.24 -13.41
CG MSE E 83 9.31 13.22 -12.11
SE MSE E 83 10.20 14.04 -10.61
CE MSE E 83 9.20 15.71 -10.44
N ASN E 84 11.48 14.28 -16.12
CA ASN E 84 12.53 14.24 -17.14
C ASN E 84 13.34 15.53 -17.19
N THR E 85 12.68 16.69 -17.04
CA THR E 85 13.39 17.96 -17.02
C THR E 85 14.42 17.98 -15.90
N ILE E 86 14.01 17.54 -14.69
CA ILE E 86 14.92 17.52 -13.56
C ILE E 86 16.01 16.47 -13.75
N LYS E 87 15.68 15.32 -14.35
CA LYS E 87 16.71 14.32 -14.59
C LYS E 87 17.79 14.84 -15.53
N MSE E 88 17.39 15.62 -16.54
CA MSE E 88 18.32 16.25 -17.50
C MSE E 88 19.27 17.18 -16.76
O MSE E 88 20.47 17.15 -16.95
CB MSE E 88 17.53 16.98 -18.59
CG MSE E 88 18.31 17.39 -19.81
SE MSE E 88 19.38 15.98 -20.65
CE MSE E 88 20.36 17.14 -21.91
N VAL E 89 18.70 17.98 -15.86
CA VAL E 89 19.47 18.93 -15.08
C VAL E 89 20.57 18.23 -14.27
N LYS E 90 20.20 17.14 -13.60
CA LYS E 90 21.20 16.33 -12.89
C LYS E 90 22.20 15.71 -13.86
N LYS E 91 21.72 15.23 -15.01
CA LYS E 91 22.61 14.65 -16.00
C LYS E 91 23.59 15.68 -16.55
N LEU E 92 23.21 16.96 -16.57
CA LEU E 92 24.12 17.99 -17.07
C LEU E 92 25.09 18.50 -16.02
N GLY E 93 25.10 17.92 -14.81
CA GLY E 93 26.10 18.22 -13.84
C GLY E 93 25.70 19.08 -12.65
N PHE E 94 24.43 19.13 -12.31
CA PHE E 94 23.98 19.84 -11.11
C PHE E 94 23.49 18.84 -10.06
N ARG E 95 23.79 19.14 -8.79
CA ARG E 95 23.31 18.47 -7.60
C ARG E 95 21.90 18.94 -7.28
N ILE E 96 20.97 18.05 -7.01
CA ILE E 96 19.63 18.37 -6.54
C ILE E 96 19.44 17.63 -5.22
N GLU E 97 19.34 18.37 -4.12
CA GLU E 97 19.22 17.80 -2.78
C GLU E 97 18.19 18.58 -1.98
N LYS E 98 17.44 17.87 -1.14
CA LYS E 98 16.52 18.52 -0.23
C LYS E 98 17.26 19.35 0.80
N GLU E 99 16.64 20.45 1.21
CA GLU E 99 17.18 21.28 2.27
C GLU E 99 16.60 20.86 3.63
N ASP E 100 17.29 21.24 4.69
CA ASP E 100 16.85 20.90 6.05
C ASP E 100 16.00 22.02 6.67
N ASP F 7 -15.58 31.05 -15.09
CA ASP F 7 -14.39 31.44 -15.84
C ASP F 7 -13.14 31.00 -15.10
N TYR F 8 -12.15 30.59 -15.87
CA TYR F 8 -10.94 30.03 -15.31
C TYR F 8 -9.92 31.13 -15.14
N ILE F 9 -9.49 31.33 -13.91
CA ILE F 9 -8.40 32.24 -13.65
C ILE F 9 -7.29 31.41 -13.07
N PRO F 10 -6.17 31.26 -13.89
CA PRO F 10 -5.10 30.48 -13.26
C PRO F 10 -4.54 31.29 -12.15
N GLU F 11 -4.21 30.65 -11.06
CA GLU F 11 -3.55 31.32 -9.97
C GLU F 11 -2.35 30.51 -9.53
N PRO F 12 -1.21 30.67 -10.32
CA PRO F 12 -0.07 29.86 -9.89
C PRO F 12 0.73 30.47 -8.78
N MSE F 13 1.53 29.65 -8.13
CA MSE F 13 2.53 30.08 -7.19
C MSE F 13 3.52 30.94 -7.96
O MSE F 13 4.00 30.50 -9.01
CB MSE F 13 3.22 28.87 -6.59
CG MSE F 13 4.45 29.13 -5.77
SE MSE F 13 4.46 28.06 -4.14
CE MSE F 13 5.24 26.38 -4.55
N ASP F 14 3.85 32.13 -7.47
CA ASP F 14 4.73 33.02 -8.23
C ASP F 14 6.19 32.56 -8.12
N LEU F 15 6.89 32.53 -9.25
CA LEU F 15 8.28 32.11 -9.31
C LEU F 15 9.22 33.24 -9.74
N SER F 16 8.70 34.45 -9.89
CA SER F 16 9.47 35.53 -10.47
C SER F 16 10.65 35.96 -9.59
N LEU F 17 10.65 35.60 -8.31
CA LEU F 17 11.75 35.91 -7.41
C LEU F 17 12.74 34.77 -7.24
N VAL F 18 12.51 33.64 -7.88
CA VAL F 18 13.37 32.47 -7.73
C VAL F 18 14.58 32.66 -8.63
N ASP F 19 15.78 32.55 -8.07
CA ASP F 19 16.98 32.80 -8.89
C ASP F 19 17.74 31.50 -9.12
N LEU F 20 17.85 31.17 -10.37
CA LEU F 20 18.59 30.01 -10.84
C LEU F 20 20.04 30.36 -11.12
N PRO F 21 20.96 29.42 -11.01
CA PRO F 21 22.32 29.66 -11.52
C PRO F 21 22.29 30.00 -13.01
N GLU F 22 23.08 31.02 -13.39
CA GLU F 22 23.23 31.37 -14.80
C GLU F 22 23.66 30.18 -15.63
N SER F 23 24.66 29.44 -15.14
CA SER F 23 25.14 28.27 -15.84
C SER F 23 24.00 27.35 -16.24
N LEU F 24 22.92 27.30 -15.44
CA LEU F 24 21.82 26.39 -15.75
C LEU F 24 20.90 26.96 -16.82
N ILE F 25 20.53 28.24 -16.69
CA ILE F 25 19.74 28.94 -17.69
C ILE F 25 20.42 28.89 -19.05
N GLN F 26 21.76 28.84 -19.06
CA GLN F 26 22.50 28.73 -20.33
C GLN F 26 22.19 27.41 -21.03
N LEU F 27 21.75 26.39 -20.29
CA LEU F 27 21.48 25.07 -20.86
C LEU F 27 20.01 24.86 -21.17
N SER F 28 19.18 25.91 -20.99
CA SER F 28 17.76 25.88 -21.31
C SER F 28 17.48 25.18 -22.63
N GLU F 29 18.21 25.55 -23.68
CA GLU F 29 17.96 24.99 -25.00
C GLU F 29 18.22 23.49 -25.01
N ARG F 30 19.35 23.07 -24.46
CA ARG F 30 19.67 21.65 -24.38
C ARG F 30 18.61 20.89 -23.58
N ILE F 31 18.12 21.47 -22.49
CA ILE F 31 17.12 20.77 -21.66
C ILE F 31 15.80 20.65 -22.42
N ALA F 32 15.28 21.79 -22.91
CA ALA F 32 14.03 21.77 -23.66
C ALA F 32 14.10 20.80 -24.85
N GLU F 33 15.24 20.79 -25.55
CA GLU F 33 15.36 19.92 -26.70
C GLU F 33 15.27 18.44 -26.30
N ASN F 34 15.97 18.06 -25.24
CA ASN F 34 15.91 16.65 -24.84
C ASN F 34 14.53 16.28 -24.27
N VAL F 35 13.91 17.20 -23.53
CA VAL F 35 12.55 17.00 -23.05
C VAL F 35 11.60 16.74 -24.22
N HIS F 36 11.81 17.44 -25.33
CA HIS F 36 10.98 17.22 -26.51
C HIS F 36 11.25 15.86 -27.13
N GLU F 37 12.54 15.48 -27.26
CA GLU F 37 12.89 14.21 -27.90
C GLU F 37 12.39 13.02 -27.10
N VAL F 38 12.54 13.07 -25.76
CA VAL F 38 12.00 12.01 -24.91
C VAL F 38 10.50 11.89 -25.12
N TRP F 39 9.79 13.02 -25.08
CA TRP F 39 8.36 12.97 -25.31
C TRP F 39 8.04 12.36 -26.68
N ALA F 40 8.78 12.77 -27.71
CA ALA F 40 8.46 12.30 -29.06
C ALA F 40 8.77 10.82 -29.21
N LYS F 41 9.83 10.34 -28.56
CA LYS F 41 10.15 8.92 -28.65
C LYS F 41 9.08 8.07 -27.95
N ALA F 42 8.60 8.51 -26.79
CA ALA F 42 7.52 7.79 -26.13
C ALA F 42 6.28 7.75 -27.02
N ARG F 43 5.93 8.86 -27.64
CA ARG F 43 4.72 8.86 -28.45
C ARG F 43 4.89 7.98 -29.67
N ILE F 44 6.00 8.12 -30.33
CA ILE F 44 6.24 7.35 -31.56
C ILE F 44 6.30 5.85 -31.23
N ASP F 45 6.85 5.49 -30.08
CA ASP F 45 6.87 4.09 -29.64
C ASP F 45 5.48 3.58 -29.25
N GLU F 46 4.52 4.46 -28.97
CA GLU F 46 3.13 4.06 -28.74
C GLU F 46 2.28 4.12 -30.01
N GLY F 47 2.90 4.29 -31.18
CA GLY F 47 2.17 4.34 -32.43
C GLY F 47 1.85 5.71 -32.98
N TRP F 48 2.30 6.78 -32.32
CA TRP F 48 1.95 8.12 -32.81
C TRP F 48 2.75 8.47 -34.04
N THR F 49 2.16 9.32 -34.89
CA THR F 49 2.82 9.84 -36.08
C THR F 49 2.43 11.30 -36.24
N TYR F 50 3.12 11.97 -37.17
CA TYR F 50 2.85 13.37 -37.45
C TYR F 50 1.47 13.56 -38.06
N GLY F 51 0.73 14.53 -37.53
CA GLY F 51 -0.48 15.03 -38.15
C GLY F 51 -0.46 16.54 -38.00
N GLU F 52 -1.47 17.21 -38.56
CA GLU F 52 -1.47 18.66 -38.47
C GLU F 52 -2.23 19.19 -37.26
N LYS F 53 -3.07 18.36 -36.64
CA LYS F 53 -3.81 18.65 -35.43
C LYS F 53 -3.55 17.54 -34.42
N ARG F 54 -3.60 17.85 -33.12
CA ARG F 54 -3.58 16.79 -32.13
C ARG F 54 -4.88 15.99 -32.22
N ASP F 55 -4.76 14.70 -32.56
CA ASP F 55 -5.89 13.80 -32.72
C ASP F 55 -5.62 12.56 -31.86
N ASP F 56 -6.23 12.51 -30.68
CA ASP F 56 -5.88 11.45 -29.73
C ASP F 56 -6.39 10.09 -30.18
N ILE F 57 -7.48 10.03 -30.96
CA ILE F 57 -7.97 8.74 -31.42
C ILE F 57 -7.03 8.15 -32.47
N HIS F 58 -6.50 8.98 -33.37
CA HIS F 58 -5.67 8.47 -34.44
C HIS F 58 -4.18 8.65 -34.18
N LYS F 59 -3.79 9.07 -32.97
CA LYS F 59 -2.39 9.28 -32.62
C LYS F 59 -1.68 10.23 -33.62
N LYS F 60 -2.30 11.40 -33.81
CA LYS F 60 -1.64 12.40 -34.64
C LYS F 60 -1.19 13.57 -33.77
N HIS F 61 0.03 14.04 -34.13
CA HIS F 61 0.52 15.25 -33.43
C HIS F 61 1.40 16.15 -34.28
N PRO F 62 1.08 17.45 -34.34
CA PRO F 62 1.92 18.38 -35.12
C PRO F 62 3.31 18.57 -34.56
N CYS F 63 3.51 18.35 -33.26
N CYS F 63 3.51 18.36 -33.26
CA CYS F 63 4.81 18.55 -32.64
CA CYS F 63 4.81 18.57 -32.64
C CYS F 63 5.76 17.37 -32.83
C CYS F 63 5.75 17.37 -32.81
N LEU F 64 5.36 16.34 -33.56
CA LEU F 64 6.22 15.18 -33.77
C LEU F 64 7.16 15.47 -34.95
N VAL F 65 8.15 16.30 -34.67
CA VAL F 65 9.11 16.80 -35.65
C VAL F 65 10.41 17.09 -34.89
N PRO F 66 11.58 17.08 -35.53
CA PRO F 66 12.80 17.42 -34.79
C PRO F 66 12.69 18.78 -34.11
N TYR F 67 13.25 18.87 -32.90
CA TYR F 67 13.13 20.07 -32.08
C TYR F 67 13.58 21.32 -32.81
N ASP F 68 14.71 21.23 -33.53
CA ASP F 68 15.28 22.40 -34.20
C ASP F 68 14.37 22.96 -35.28
N GLU F 69 13.45 22.15 -35.79
CA GLU F 69 12.53 22.61 -36.82
C GLU F 69 11.26 23.23 -36.24
N LEU F 70 11.16 23.34 -34.92
CA LEU F 70 10.05 24.05 -34.29
C LEU F 70 10.18 25.55 -34.52
N PRO F 71 9.06 26.29 -34.49
CA PRO F 71 9.17 27.76 -34.57
C PRO F 71 9.86 28.31 -33.34
N GLU F 72 10.49 29.48 -33.52
CA GLU F 72 11.22 30.06 -32.40
C GLU F 72 10.30 30.35 -31.22
N GLU F 73 9.03 30.71 -31.47
CA GLU F 73 8.14 31.00 -30.34
C GLU F 73 7.83 29.73 -29.55
N GLU F 74 7.74 28.58 -30.22
CA GLU F 74 7.56 27.33 -29.49
C GLU F 74 8.79 26.97 -28.66
N LYS F 75 9.99 27.07 -29.25
CA LYS F 75 11.22 26.81 -28.51
C LYS F 75 11.34 27.75 -27.32
N GLU F 76 10.88 28.98 -27.48
CA GLU F 76 10.89 29.93 -26.38
C GLU F 76 9.96 29.47 -25.26
N ALA F 77 8.76 29.03 -25.62
CA ALA F 77 7.85 28.53 -24.60
C ALA F 77 8.39 27.24 -23.97
N ASP F 78 9.12 26.43 -24.73
CA ASP F 78 9.68 25.21 -24.15
C ASP F 78 10.82 25.51 -23.19
N ARG F 79 11.69 26.48 -23.52
CA ARG F 79 12.75 26.86 -22.58
C ARG F 79 12.17 27.48 -21.31
N ASN F 80 11.14 28.33 -21.44
CA ASN F 80 10.54 28.91 -20.25
C ASN F 80 9.94 27.84 -19.34
N THR F 81 9.20 26.87 -19.93
CA THR F 81 8.60 25.79 -19.14
C THR F 81 9.65 25.00 -18.41
N ALA F 82 10.73 24.63 -19.11
CA ALA F 82 11.82 23.94 -18.44
C ALA F 82 12.35 24.74 -17.25
N MSE F 83 12.59 26.03 -17.43
CA MSE F 83 13.14 26.84 -16.33
C MSE F 83 12.09 27.02 -15.21
O MSE F 83 12.44 27.02 -14.03
CB MSE F 83 13.61 28.22 -16.82
CG MSE F 83 14.89 28.21 -17.64
SE MSE F 83 16.43 27.26 -16.87
CE MSE F 83 16.29 25.55 -17.78
N ASN F 84 10.82 27.21 -15.60
CA ASN F 84 9.74 27.23 -14.62
C ASN F 84 9.70 25.95 -13.79
N THR F 85 9.98 24.80 -14.42
CA THR F 85 9.98 23.54 -13.70
C THR F 85 11.05 23.52 -12.60
N ILE F 86 12.23 24.01 -12.91
CA ILE F 86 13.32 24.02 -11.96
C ILE F 86 13.15 25.06 -10.86
N LYS F 87 12.53 26.17 -11.19
CA LYS F 87 12.29 27.19 -10.19
C LYS F 87 11.35 26.66 -9.15
N MSE F 88 10.38 25.87 -9.60
CA MSE F 88 9.39 25.29 -8.76
C MSE F 88 10.03 24.28 -7.88
O MSE F 88 9.65 24.19 -6.74
CB MSE F 88 8.26 24.79 -9.63
CG MSE F 88 7.14 24.17 -8.82
SE MSE F 88 6.25 25.44 -7.63
CE MSE F 88 4.75 24.36 -7.04
N VAL F 89 11.04 23.58 -8.35
CA VAL F 89 11.79 22.66 -7.54
C VAL F 89 12.51 23.42 -6.44
N LYS F 90 13.19 24.49 -6.80
CA LYS F 90 13.89 25.26 -5.76
C LYS F 90 12.91 25.83 -4.74
N LYS F 91 11.73 26.28 -5.19
CA LYS F 91 10.73 26.87 -4.31
C LYS F 91 10.17 25.86 -3.31
N LEU F 92 10.09 24.59 -3.70
CA LEU F 92 9.64 23.59 -2.74
C LEU F 92 10.77 23.08 -1.86
N GLY F 93 11.87 23.83 -1.78
CA GLY F 93 12.88 23.58 -0.79
C GLY F 93 13.95 22.61 -1.20
N PHE F 94 14.28 22.54 -2.48
CA PHE F 94 15.44 21.80 -2.93
C PHE F 94 16.53 22.77 -3.37
N ARG F 95 17.78 22.33 -3.25
CA ARG F 95 18.91 23.13 -3.67
C ARG F 95 19.44 22.61 -5.00
N ILE F 96 19.75 23.54 -5.91
CA ILE F 96 20.25 23.24 -7.24
C ILE F 96 21.62 23.88 -7.40
N GLU F 97 22.66 23.07 -7.53
CA GLU F 97 23.98 23.68 -7.67
C GLU F 97 24.84 22.90 -8.64
N LYS F 98 25.61 23.70 -9.37
CA LYS F 98 26.60 23.17 -10.31
C LYS F 98 27.64 22.36 -9.57
N GLU F 99 27.91 21.16 -10.02
CA GLU F 99 28.87 20.47 -9.20
C GLU F 99 30.30 20.86 -9.52
N1 CFF G . -0.12 -28.87 15.65
C2 CFF G . -0.92 -27.72 15.86
C10 CFF G . 1.35 -28.78 15.55
C6 CFF G . -0.74 -30.12 15.51
N3 CFF G . -2.33 -27.76 15.98
O11 CFF G . -0.34 -26.63 16.00
C12 CFF G . -3.06 -26.51 16.22
C4 CFF G . -2.94 -28.94 15.86
C5 CFF G . -2.20 -30.16 15.60
N9 CFF G . -4.25 -29.25 15.89
O13 CFF G . -0.04 -31.17 15.31
N7 CFF G . -3.06 -31.18 15.50
C8 CFF G . -4.35 -30.65 15.67
C14 CFF G . -2.74 -32.64 15.27
N1 CFF H . -2.56 -26.98 12.46
C2 CFF H . -3.87 -27.54 12.38
C10 CFF H . -2.24 -25.54 12.63
C6 CFF H . -1.42 -27.84 12.45
N3 CFF H . -4.14 -28.90 12.23
O11 CFF H . -4.87 -26.80 12.42
C12 CFF H . -5.50 -29.47 12.13
C4 CFF H . -3.13 -29.75 12.20
C5 CFF H . -1.76 -29.25 12.28
N9 CFF H . -3.17 -31.11 12.07
O13 CFF H . -0.25 -27.33 12.54
N7 CFF H . -0.98 -30.31 12.23
C8 CFF H . -1.81 -31.43 12.09
C14 CFF H . 0.52 -30.23 12.33
N1 CFF I . -1.77 -30.73 8.73
C2 CFF I . -3.11 -30.34 8.62
C10 CFF I . -1.41 -32.13 8.71
C6 CFF I . -0.78 -29.77 8.86
N3 CFF I . -3.52 -29.01 8.65
O11 CFF I . -3.96 -31.19 8.50
C12 CFF I . -4.92 -28.65 8.53
C4 CFF I . -2.61 -28.07 8.78
C5 CFF I . -1.22 -28.39 8.89
N9 CFF I . -2.69 -26.77 8.83
O13 CFF I . 0.40 -30.05 8.96
N7 CFF I . -0.56 -27.29 9.01
C8 CFF I . -1.45 -26.30 8.98
C14 CFF I . 0.89 -27.16 9.16
C1 GOL J . 2.35 -28.11 6.03
O1 GOL J . 2.88 -29.39 5.76
C2 GOL J . 2.48 -27.28 4.77
O2 GOL J . 1.29 -26.55 4.59
C3 GOL J . 3.68 -26.33 4.83
O3 GOL J . 4.03 -26.02 3.49
S SO4 K . -27.45 -23.92 21.12
O1 SO4 K . -27.59 -22.50 20.76
O2 SO4 K . -28.68 -24.44 21.73
O3 SO4 K . -26.38 -24.09 22.11
O4 SO4 K . -27.19 -24.65 19.87
S SO4 L . -1.78 -23.76 2.37
O1 SO4 L . -3.15 -23.36 1.99
O2 SO4 L . -1.00 -22.61 2.81
O3 SO4 L . -1.87 -24.73 3.46
O4 SO4 L . -1.11 -24.36 1.21
C1 GOL M . -1.32 -33.57 18.48
O1 GOL M . -0.05 -33.75 17.90
C2 GOL M . -1.39 -34.55 19.64
O2 GOL M . -0.84 -35.80 19.23
C3 GOL M . -2.80 -34.78 20.15
O3 GOL M . -2.85 -36.17 20.18
S SO4 N . -15.68 -5.87 6.73
O1 SO4 N . -16.84 -6.35 7.47
O2 SO4 N . -15.79 -4.42 6.58
O3 SO4 N . -14.49 -6.15 7.56
O4 SO4 N . -15.62 -6.51 5.39
N1 CFF O . 1.90 8.21 13.62
C2 CFF O . 2.19 7.09 12.81
C10 CFF O . 1.72 8.00 15.05
C6 CFF O . 1.77 9.48 13.01
N3 CFF O . 2.39 7.14 11.44
O11 CFF O . 2.31 5.98 13.37
C12 CFF O . 2.68 5.90 10.72
C4 CFF O . 2.27 8.31 10.83
C5 CFF O . 1.97 9.52 11.55
N9 CFF O . 2.41 8.65 9.53
O13 CFF O . 1.52 10.54 13.64
N7 CFF O . 1.93 10.53 10.68
C8 CFF O . 2.19 10.02 9.44
C14 CFF O . 1.64 11.96 10.97
N1 CFF P . -1.37 8.63 12.33
C2 CFF P . -1.32 7.21 12.49
C10 CFF P . -1.48 9.56 13.47
C6 CFF P . -1.36 9.17 11.04
N3 CFF P . -1.20 6.29 11.42
O11 CFF P . -1.32 6.72 13.62
C12 CFF P . -1.14 4.82 11.56
C4 CFF P . -1.16 6.79 10.21
C5 CFF P . -1.27 8.20 10.00
N9 CFF P . -1.08 6.15 9.03
O13 CFF P . -1.41 10.41 10.75
N7 CFF P . -1.18 8.44 8.71
C8 CFF P . -1.11 7.21 8.08
C14 CFF P . -1.26 9.76 8.09
N1 CFF Q . -4.88 9.68 11.49
C2 CFF Q . -4.87 9.30 10.14
C10 CFF Q . -4.95 11.08 11.84
C6 CFF Q . -4.82 8.73 12.49
N3 CFF Q . -4.80 7.96 9.73
O11 CFF Q . -4.91 10.14 9.27
C12 CFF Q . -4.79 7.61 8.33
C4 CFF Q . -4.74 7.04 10.64
C5 CFF Q . -4.75 7.35 12.03
N9 CFF Q . -4.68 5.74 10.54
O13 CFF Q . -4.82 8.98 13.68
N7 CFF Q . -4.70 6.25 12.69
C8 CFF Q . -4.65 5.28 11.80
C14 CFF Q . -4.68 6.15 14.14
C1 GOL R . -7.90 7.49 16.06
O1 GOL R . -8.31 7.09 14.76
C2 GOL R . -8.60 6.66 17.15
O2 GOL R . -9.90 7.17 17.30
C3 GOL R . -8.77 5.19 16.78
O3 GOL R . -9.98 5.04 16.05
C1 GOL S . 7.17 2.17 -14.39
O1 GOL S . 5.84 2.20 -13.91
C2 GOL S . 7.97 3.04 -13.44
O2 GOL S . 7.45 4.35 -13.46
C3 GOL S . 9.46 2.99 -13.68
O3 GOL S . 10.14 3.30 -12.47
S SO4 T . 9.06 10.91 8.13
O1 SO4 T . 8.60 12.05 7.35
O2 SO4 T . 8.00 10.43 8.99
O3 SO4 T . 9.49 9.73 7.39
O4 SO4 T . 10.18 11.40 8.90
C PYR U . 5.03 13.54 12.72
O PYR U . 4.48 13.84 13.78
OXT PYR U . 4.81 12.46 12.22
CA PYR U . 5.95 14.46 12.05
O3 PYR U . 6.66 14.04 11.16
CB PYR U . 6.02 15.89 12.42
C PYR V . -5.25 -14.86 -2.38
O PYR V . -5.15 -15.20 -1.22
OXT PYR V . -4.25 -14.79 -3.11
CA PYR V . -6.55 -14.51 -2.89
O3 PYR V . -7.46 -14.41 -2.14
CB PYR V . -6.72 -14.28 -4.36
N1 CFF W . 1.14 23.68 -22.67
C2 CFF W . 1.77 23.63 -21.42
C10 CFF W . -0.26 23.38 -22.83
C6 CFF W . 1.87 24.02 -23.80
N3 CFF W . 3.11 23.90 -21.23
O11 CFF W . 1.10 23.34 -20.44
C12 CFF W . 3.71 23.84 -19.92
C4 CFF W . 3.83 24.22 -22.25
C5 CFF W . 3.27 24.30 -23.56
N9 CFF W . 5.11 24.54 -22.36
O13 CFF W . 1.37 24.08 -24.91
N7 CFF W . 4.22 24.64 -24.37
C8 CFF W . 5.32 24.78 -23.66
C14 CFF W . 4.07 24.82 -25.81
C1 GOL X . -5.38 18.00 -23.73
O1 GOL X . -5.14 19.13 -22.89
C2 GOL X . -5.90 18.48 -25.10
O2 GOL X . -4.89 19.24 -25.75
C3 GOL X . -6.26 17.26 -25.95
O3 GOL X . -6.86 17.70 -27.17
C1 GOL Y . 14.23 10.85 -0.52
O1 GOL Y . 14.89 12.01 -0.08
C2 GOL Y . 15.37 10.25 -1.24
O2 GOL Y . 16.50 10.66 -0.53
C3 GOL Y . 15.30 8.75 -1.21
O3 GOL Y . 15.75 8.32 -2.47
C1 GOL Z . 3.33 29.58 -26.72
O1 GOL Z . 3.08 30.87 -27.29
C2 GOL Z . 2.01 28.97 -26.26
O2 GOL Z . 2.25 28.14 -25.12
C3 GOL Z . 1.41 28.12 -27.39
O3 GOL Z . 0.78 26.97 -26.83
N1 CFF AA . 3.57 20.32 -21.63
C2 CFF AA . 2.58 20.36 -22.60
C10 CFF AA . 3.27 19.95 -20.27
C6 CFF AA . 4.88 20.63 -21.94
N3 CFF AA . 2.81 20.71 -23.93
O11 CFF AA . 1.45 20.07 -22.26
C12 CFF AA . 1.77 20.77 -24.93
C4 CFF AA . 4.02 21.02 -24.26
C5 CFF AA . 5.10 21.00 -23.33
N9 CFF AA . 4.49 21.39 -25.42
O13 CFF AA . 5.76 20.59 -21.10
N7 CFF AA . 6.17 21.35 -23.97
C8 CFF AA . 5.81 21.58 -25.23
C14 CFF AA . 7.52 21.47 -23.42
N1 CFF BA . 5.77 17.55 -23.88
C2 CFF BA . 5.71 17.83 -25.27
C10 CFF BA . 7.07 17.61 -23.25
C6 CFF BA . 4.60 17.21 -23.17
N3 CFF BA . 4.54 17.80 -26.00
O11 CFF BA . 6.70 18.11 -25.88
C12 CFF BA . 4.49 18.09 -27.42
C4 CFF BA . 3.46 17.51 -25.39
C5 CFF BA . 3.43 17.20 -23.99
N9 CFF BA . 2.24 17.42 -25.84
O13 CFF BA . 4.44 16.95 -21.98
N7 CFF BA . 2.21 16.95 -23.65
C8 CFF BA . 1.48 17.08 -24.77
C14 CFF BA . 1.77 16.60 -22.31
C1 GOL CA . -0.07 21.50 -28.21
O1 GOL CA . -0.19 22.75 -27.51
C2 GOL CA . -1.17 20.49 -27.94
O2 GOL CA . -2.55 20.84 -28.10
C3 GOL CA . -0.94 19.62 -26.73
O3 GOL CA . -0.39 18.39 -27.20
C1 GOL DA . -0.18 13.00 -25.82
O1 GOL DA . 0.15 14.22 -26.47
C2 GOL DA . 0.34 13.06 -24.40
O2 GOL DA . 1.65 13.62 -24.41
C3 GOL DA . 0.38 11.65 -23.84
O3 GOL DA . -0.96 11.21 -23.70
C1 GOL EA . 26.22 31.57 -10.98
O1 GOL EA . 25.03 32.32 -11.17
C2 GOL EA . 26.10 30.23 -11.66
O2 GOL EA . 26.27 30.55 -13.01
C3 GOL EA . 27.22 29.31 -11.25
O3 GOL EA . 26.95 27.93 -11.56
#